data_5ZST
#
_entry.id   5ZST
#
_cell.length_a   136.940
_cell.length_b   136.940
_cell.length_c   98.820
_cell.angle_alpha   90.000
_cell.angle_beta   90.000
_cell.angle_gamma   120.000
#
_symmetry.space_group_name_H-M   'P 65'
#
loop_
_entity.id
_entity.type
_entity.pdbx_description
1 polymer 'Cysteine desulfurase'
2 water water
#
_entity_poly.entity_id   1
_entity_poly.type   'polypeptide(L)'
_entity_poly.pdbx_seq_one_letter_code
;MAHMKVYLDNNATTIVDPEVKAAMDPYFTQIYGNPNSLHDFGTECHPALRKAMDQMYEAIGARDEDDIVVTSCATESNNW
VLKGVYFDLIKNGDKDHIITTEVEHPSVTATCRWLEEQGVRVTYLPVNQDGVVEAHTVRDFITDKTALVSIMWANNETGA
IFPVEEISEICKEKGVLFHTDGVQAIGKIPVDVIRAGVDFMSFSAH(LLP)FHGPKGVGGLYIRNGHPLTSLLHGGEHMG
GRRSGTLNVPGIVGMGKAMELATYYLKFEEEHVRKLRDKLEDAILEIPDTYSVGPRENRTPNTILVSVRGVEGEAMLWDL
NRAGIAASTGSA(CSS)ASEDLEANPIMVAVGADSELAHTAVRLSLSRFTTEEEIDYTIEQFKKAVERLRSISSSYAYMP
DNMKDKQLEVDLVPRGSHHHHHH
;
_entity_poly.pdbx_strand_id   A,B
#
# COMPACT_ATOMS: atom_id res chain seq x y z
N ALA A 2 19.15 35.99 4.87
CA ALA A 2 19.95 34.97 4.20
C ALA A 2 19.05 33.80 3.79
N HIS A 3 19.52 32.96 2.86
CA HIS A 3 18.72 31.78 2.51
C HIS A 3 19.61 30.69 1.90
N MET A 4 19.52 29.49 2.47
CA MET A 4 20.17 28.24 2.07
C MET A 4 19.18 27.12 2.34
N LYS A 5 18.88 26.24 1.38
CA LYS A 5 17.95 25.17 1.74
C LYS A 5 18.68 24.08 2.51
N VAL A 6 18.10 23.71 3.65
CA VAL A 6 18.62 22.73 4.60
C VAL A 6 17.47 21.88 5.10
N TYR A 7 17.60 20.56 4.99
CA TYR A 7 16.53 19.65 5.37
C TYR A 7 16.85 19.04 6.73
N LEU A 8 16.08 19.44 7.74
CA LEU A 8 16.19 18.88 9.09
C LEU A 8 14.86 18.37 9.59
N ASP A 9 14.12 17.67 8.74
CA ASP A 9 12.86 17.05 9.08
C ASP A 9 12.88 15.56 8.76
N ASN A 10 14.00 14.90 9.09
CA ASN A 10 14.19 13.54 8.63
C ASN A 10 13.28 12.55 9.34
N ASN A 11 12.82 12.86 10.55
CA ASN A 11 11.88 11.97 11.23
C ASN A 11 10.52 11.90 10.55
N ALA A 12 10.21 12.86 9.68
CA ALA A 12 8.97 12.87 8.91
C ALA A 12 9.10 12.04 7.63
N THR A 13 10.20 12.23 6.90
CA THR A 13 10.51 11.44 5.71
C THR A 13 11.97 11.73 5.36
N THR A 14 12.55 10.85 4.54
CA THR A 14 13.96 10.97 4.19
C THR A 14 14.14 10.89 2.68
N ILE A 15 15.28 11.43 2.22
CA ILE A 15 15.64 11.36 0.81
C ILE A 15 16.03 9.93 0.45
N VAL A 16 15.66 9.51 -0.76
CA VAL A 16 16.00 8.18 -1.25
C VAL A 16 17.46 8.14 -1.68
N ASP A 17 18.24 7.25 -1.08
CA ASP A 17 19.65 7.10 -1.42
C ASP A 17 19.79 6.86 -2.93
N PRO A 18 20.63 7.63 -3.64
CA PRO A 18 20.80 7.37 -5.07
C PRO A 18 21.05 5.90 -5.34
N GLU A 19 21.73 5.18 -4.43
CA GLU A 19 21.92 3.74 -4.62
C GLU A 19 20.60 2.98 -4.52
N VAL A 20 19.71 3.40 -3.63
CA VAL A 20 18.42 2.72 -3.56
C VAL A 20 17.63 2.97 -4.84
N LYS A 21 17.67 4.20 -5.36
CA LYS A 21 16.98 4.49 -6.62
C LYS A 21 17.60 3.71 -7.77
N ALA A 22 18.93 3.58 -7.78
CA ALA A 22 19.59 2.83 -8.82
C ALA A 22 19.21 1.36 -8.76
N ALA A 23 19.11 0.81 -7.55
CA ALA A 23 18.66 -0.57 -7.39
C ALA A 23 17.23 -0.74 -7.87
N MET A 24 16.41 0.30 -7.74
CA MET A 24 15.01 0.19 -8.12
C MET A 24 14.81 0.31 -9.63
N ASP A 25 15.62 1.17 -10.27
CA ASP A 25 15.37 1.57 -11.66
C ASP A 25 15.00 0.45 -12.63
N PRO A 26 15.67 -0.72 -12.63
CA PRO A 26 15.32 -1.72 -13.64
C PRO A 26 13.90 -2.24 -13.52
N TYR A 27 13.29 -2.18 -12.33
CA TYR A 27 12.03 -2.87 -12.06
C TYR A 27 10.80 -2.03 -12.34
N PHE A 28 10.88 -1.06 -13.24
CA PHE A 28 9.69 -0.38 -13.76
C PHE A 28 9.45 -0.76 -15.21
N THR A 29 10.44 -0.52 -16.06
CA THR A 29 10.34 -0.72 -17.50
C THR A 29 11.21 -1.85 -18.04
N GLN A 30 12.39 -2.08 -17.45
CA GLN A 30 13.27 -3.13 -17.95
C GLN A 30 12.81 -4.52 -17.48
N ILE A 31 12.45 -4.64 -16.21
CA ILE A 31 12.00 -5.90 -15.61
C ILE A 31 10.64 -5.62 -14.99
N TYR A 32 9.58 -6.00 -15.68
CA TYR A 32 8.23 -5.61 -15.30
C TYR A 32 7.27 -6.76 -15.11
N GLY A 33 7.68 -8.00 -15.38
CA GLY A 33 6.78 -9.13 -15.25
C GLY A 33 6.22 -9.26 -13.84
N ASN A 34 5.08 -9.94 -13.75
CA ASN A 34 4.47 -10.18 -12.45
C ASN A 34 5.16 -11.35 -11.77
N PRO A 35 5.71 -11.17 -10.56
CA PRO A 35 6.45 -12.27 -9.92
C PRO A 35 5.62 -13.50 -9.68
N ASN A 36 4.30 -13.38 -9.73
CA ASN A 36 3.38 -14.49 -9.50
C ASN A 36 3.09 -15.29 -10.76
N SER A 37 3.59 -14.86 -11.91
CA SER A 37 3.47 -15.58 -13.17
C SER A 37 4.54 -16.66 -13.30
N LEU A 38 4.28 -17.65 -14.17
CA LEU A 38 5.20 -18.76 -14.29
C LEU A 38 6.20 -18.59 -15.43
N HIS A 39 5.93 -17.69 -16.37
CA HIS A 39 6.85 -17.50 -17.48
C HIS A 39 8.10 -16.73 -17.03
N ASP A 40 9.10 -16.71 -17.91
CA ASP A 40 10.40 -16.12 -17.57
C ASP A 40 10.29 -14.63 -17.29
N PHE A 41 9.38 -13.94 -17.99
CA PHE A 41 9.17 -12.51 -17.72
C PHE A 41 8.78 -12.29 -16.26
N GLY A 42 7.93 -13.16 -15.71
CA GLY A 42 7.52 -13.01 -14.33
C GLY A 42 8.60 -13.39 -13.34
N THR A 43 9.31 -14.49 -13.60
CA THR A 43 10.30 -14.96 -12.66
C THR A 43 11.60 -14.19 -12.71
N GLU A 44 11.83 -13.37 -13.74
CA GLU A 44 13.12 -12.70 -13.87
C GLU A 44 13.47 -11.90 -12.62
N CYS A 45 12.48 -11.34 -11.95
CA CYS A 45 12.75 -10.53 -10.77
C CYS A 45 12.89 -11.35 -9.50
N HIS A 46 12.70 -12.67 -9.55
CA HIS A 46 12.68 -13.48 -8.34
C HIS A 46 13.95 -13.35 -7.52
N PRO A 47 15.16 -13.43 -8.10
CA PRO A 47 16.35 -13.27 -7.26
C PRO A 47 16.43 -11.93 -6.56
N ALA A 48 15.96 -10.85 -7.18
CA ALA A 48 15.97 -9.57 -6.47
C ALA A 48 15.03 -9.59 -5.26
N LEU A 49 13.85 -10.21 -5.40
CA LEU A 49 12.96 -10.33 -4.24
C LEU A 49 13.61 -11.18 -3.16
N ARG A 50 14.27 -12.27 -3.54
CA ARG A 50 14.89 -13.13 -2.54
C ARG A 50 15.99 -12.34 -1.81
N LYS A 51 16.83 -11.65 -2.57
CA LYS A 51 17.91 -10.88 -1.97
C LYS A 51 17.37 -9.78 -1.06
N ALA A 52 16.29 -9.10 -1.48
CA ALA A 52 15.71 -8.04 -0.65
C ALA A 52 15.15 -8.61 0.64
N MET A 53 14.41 -9.71 0.56
CA MET A 53 13.87 -10.31 1.76
C MET A 53 14.99 -10.72 2.71
N ASP A 54 16.09 -11.25 2.15
CA ASP A 54 17.25 -11.61 2.96
C ASP A 54 17.86 -10.37 3.62
N GLN A 55 17.94 -9.28 2.87
CA GLN A 55 18.47 -8.04 3.42
C GLN A 55 17.67 -7.56 4.61
N MET A 56 16.35 -7.68 4.52
CA MET A 56 15.48 -7.25 5.62
C MET A 56 15.67 -8.12 6.86
N TYR A 57 15.68 -9.44 6.66
CA TYR A 57 15.86 -10.34 7.79
C TYR A 57 17.19 -10.11 8.47
N GLU A 58 18.23 -9.84 7.69
CA GLU A 58 19.55 -9.65 8.29
C GLU A 58 19.62 -8.30 8.98
N ALA A 59 18.90 -7.31 8.44
CA ALA A 59 18.96 -5.95 8.96
C ALA A 59 18.32 -5.85 10.32
N ILE A 60 17.25 -6.60 10.56
CA ILE A 60 16.56 -6.50 11.84
C ILE A 60 16.86 -7.68 12.76
N GLY A 61 17.76 -8.59 12.34
CA GLY A 61 18.10 -9.70 13.21
C GLY A 61 17.02 -10.75 13.38
N ALA A 62 16.06 -10.82 12.44
CA ALA A 62 15.03 -11.85 12.44
C ALA A 62 15.61 -13.22 12.08
N ARG A 63 14.90 -14.28 12.48
CA ARG A 63 15.37 -15.63 12.18
C ARG A 63 14.56 -16.22 11.03
N ASP A 64 14.92 -17.44 10.67
CA ASP A 64 14.32 -18.07 9.52
C ASP A 64 12.87 -18.47 9.79
N GLU A 65 12.57 -18.84 11.04
CA GLU A 65 11.20 -19.18 11.43
C GLU A 65 10.26 -17.98 11.35
N ASP A 66 10.79 -16.77 11.61
CA ASP A 66 9.92 -15.61 11.66
C ASP A 66 9.49 -15.22 10.24
N ASP A 67 8.50 -14.34 10.18
CA ASP A 67 7.95 -13.86 8.92
C ASP A 67 8.19 -12.36 8.81
N ILE A 68 8.45 -11.87 7.61
CA ILE A 68 8.50 -10.45 7.32
C ILE A 68 7.57 -10.19 6.15
N VAL A 69 6.39 -9.65 6.42
CA VAL A 69 5.41 -9.41 5.37
C VAL A 69 5.57 -7.97 4.88
N VAL A 70 5.69 -7.81 3.57
CA VAL A 70 5.84 -6.48 2.99
C VAL A 70 4.46 -5.83 2.84
N THR A 71 4.28 -4.69 3.50
CA THR A 71 3.07 -3.89 3.47
C THR A 71 3.30 -2.67 2.57
N SER A 72 2.26 -1.84 2.44
CA SER A 72 2.38 -0.58 1.72
C SER A 72 2.99 0.54 2.55
N CYS A 73 2.97 0.43 3.88
CA CYS A 73 3.47 1.47 4.77
C CYS A 73 3.29 0.94 6.18
N ALA A 74 3.97 1.58 7.13
CA ALA A 74 3.78 1.19 8.52
C ALA A 74 2.38 1.47 9.05
N THR A 75 1.65 2.39 8.42
CA THR A 75 0.23 2.58 8.74
C THR A 75 -0.55 1.29 8.48
N GLU A 76 -0.34 0.68 7.32
CA GLU A 76 -0.93 -0.63 7.04
C GLU A 76 -0.55 -1.63 8.12
N SER A 77 0.73 -1.68 8.48
CA SER A 77 1.18 -2.67 9.45
C SER A 77 0.49 -2.49 10.79
N ASN A 78 0.38 -1.24 11.26
CA ASN A 78 -0.25 -0.97 12.54
C ASN A 78 -1.74 -1.31 12.49
N ASN A 79 -2.45 -0.84 11.46
CA ASN A 79 -3.85 -1.21 11.33
C ASN A 79 -3.99 -2.73 11.34
N TRP A 80 -3.11 -3.42 10.62
CA TRP A 80 -3.18 -4.86 10.49
C TRP A 80 -3.00 -5.53 11.84
N VAL A 81 -1.98 -5.12 12.59
CA VAL A 81 -1.70 -5.83 13.84
C VAL A 81 -2.80 -5.57 14.85
N LEU A 82 -3.26 -4.33 14.94
CA LEU A 82 -4.30 -4.01 15.90
C LEU A 82 -5.61 -4.70 15.55
N LYS A 83 -6.08 -4.53 14.31
CA LYS A 83 -7.36 -5.13 13.95
C LYS A 83 -7.28 -6.65 13.88
N GLY A 84 -6.12 -7.22 13.55
CA GLY A 84 -6.02 -8.67 13.51
C GLY A 84 -5.99 -9.30 14.89
N VAL A 85 -5.27 -8.70 15.84
CA VAL A 85 -5.33 -9.22 17.20
C VAL A 85 -6.72 -9.02 17.79
N TYR A 86 -7.39 -7.92 17.45
CA TYR A 86 -8.77 -7.73 17.92
C TYR A 86 -9.65 -8.85 17.37
N PHE A 87 -9.46 -9.20 16.11
CA PHE A 87 -10.27 -10.26 15.52
C PHE A 87 -9.96 -11.62 16.13
N ASP A 88 -8.69 -11.87 16.44
CA ASP A 88 -8.29 -13.22 16.83
C ASP A 88 -8.57 -13.47 18.32
N LEU A 89 -8.22 -12.52 19.18
CA LEU A 89 -8.23 -12.74 20.61
C LEU A 89 -9.33 -11.98 21.35
N ILE A 90 -10.06 -11.10 20.69
CA ILE A 90 -11.12 -10.32 21.34
C ILE A 90 -12.50 -10.70 20.82
N LYS A 91 -12.74 -10.52 19.52
CA LYS A 91 -14.05 -10.86 18.97
C LYS A 91 -14.26 -12.37 18.93
N ASN A 92 -13.20 -13.12 18.65
CA ASN A 92 -13.26 -14.58 18.63
C ASN A 92 -12.35 -15.18 19.69
N GLY A 93 -12.17 -14.48 20.79
CA GLY A 93 -11.35 -14.97 21.90
C GLY A 93 -11.93 -14.54 23.22
N ASP A 94 -11.11 -14.49 24.26
CA ASP A 94 -11.57 -14.18 25.60
C ASP A 94 -10.83 -13.00 26.21
N LYS A 95 -10.40 -12.09 25.36
CA LYS A 95 -9.66 -10.91 25.76
C LYS A 95 -10.43 -9.66 25.34
N ASP A 96 -10.09 -8.53 25.94
CA ASP A 96 -10.76 -7.29 25.54
C ASP A 96 -9.94 -6.05 25.90
N HIS A 97 -8.64 -6.17 26.06
CA HIS A 97 -7.81 -5.07 26.56
C HIS A 97 -6.55 -4.93 25.73
N ILE A 98 -6.19 -3.69 25.44
CA ILE A 98 -4.94 -3.40 24.74
C ILE A 98 -4.28 -2.28 25.52
N ILE A 99 -2.97 -2.38 25.71
CA ILE A 99 -2.20 -1.37 26.43
C ILE A 99 -1.30 -0.66 25.43
N THR A 100 -1.29 0.66 25.47
CA THR A 100 -0.46 1.46 24.57
C THR A 100 -0.05 2.73 25.30
N THR A 101 0.54 3.68 24.57
CA THR A 101 0.98 4.97 25.07
C THR A 101 0.18 6.10 24.44
N GLU A 102 0.22 7.25 25.10
CA GLU A 102 -0.34 8.48 24.54
C GLU A 102 0.53 9.11 23.46
N VAL A 103 1.70 8.56 23.14
CA VAL A 103 2.60 9.23 22.21
C VAL A 103 2.80 8.40 20.94
N GLU A 104 1.90 7.45 20.71
CA GLU A 104 1.98 6.60 19.53
C GLU A 104 1.70 7.45 18.28
N HIS A 105 2.09 6.92 17.13
CA HIS A 105 1.72 7.51 15.86
C HIS A 105 0.21 7.42 15.63
N PRO A 106 -0.38 8.36 14.86
CA PRO A 106 -1.83 8.29 14.63
C PRO A 106 -2.31 6.98 14.04
N SER A 107 -1.44 6.26 13.33
CA SER A 107 -1.79 4.94 12.80
C SER A 107 -2.25 4.01 13.90
N VAL A 108 -1.67 4.14 15.09
CA VAL A 108 -2.03 3.29 16.21
C VAL A 108 -3.10 3.93 17.10
N THR A 109 -2.98 5.23 17.41
CA THR A 109 -3.95 5.90 18.28
C THR A 109 -5.35 5.82 17.69
N ALA A 110 -5.52 6.27 16.45
CA ALA A 110 -6.86 6.32 15.88
C ALA A 110 -7.44 4.92 15.71
N THR A 111 -6.58 3.96 15.37
CA THR A 111 -7.02 2.56 15.31
C THR A 111 -7.52 2.11 16.68
N CYS A 112 -6.78 2.45 17.73
CA CYS A 112 -7.17 2.08 19.08
C CYS A 112 -8.51 2.70 19.45
N ARG A 113 -8.74 3.95 19.02
CA ARG A 113 -10.00 4.61 19.33
C ARG A 113 -11.17 3.91 18.62
N TRP A 114 -10.95 3.50 17.37
CA TRP A 114 -11.96 2.73 16.66
C TRP A 114 -12.21 1.38 17.33
N LEU A 115 -11.16 0.78 17.86
CA LEU A 115 -11.33 -0.47 18.57
C LEU A 115 -12.13 -0.24 19.85
N GLU A 116 -11.91 0.91 20.51
CA GLU A 116 -12.72 1.26 21.66
C GLU A 116 -14.18 1.40 21.24
N GLU A 117 -14.39 1.89 20.01
CA GLU A 117 -15.70 2.00 19.39
C GLU A 117 -16.30 0.64 19.10
N GLN A 118 -15.50 -0.42 19.20
CA GLN A 118 -16.04 -1.77 19.08
C GLN A 118 -15.98 -2.55 20.39
N GLY A 119 -15.88 -1.87 21.54
CA GLY A 119 -16.00 -2.55 22.81
C GLY A 119 -14.69 -2.96 23.44
N VAL A 120 -13.57 -2.62 22.82
CA VAL A 120 -12.24 -2.93 23.33
C VAL A 120 -11.85 -1.92 24.39
N ARG A 121 -11.39 -2.41 25.54
CA ARG A 121 -10.82 -1.52 26.55
C ARG A 121 -9.41 -1.15 26.15
N VAL A 122 -9.12 0.15 26.10
CA VAL A 122 -7.77 0.61 25.75
C VAL A 122 -7.26 1.51 26.85
N THR A 123 -6.03 1.27 27.30
CA THR A 123 -5.33 2.12 28.26
C THR A 123 -4.23 2.84 27.51
N TYR A 124 -4.35 4.16 27.37
CA TYR A 124 -3.28 4.95 26.75
C TYR A 124 -2.38 5.38 27.89
N LEU A 125 -1.27 4.69 28.04
CA LEU A 125 -0.42 4.95 29.18
C LEU A 125 0.30 6.27 28.96
N PRO A 126 0.30 7.17 29.94
CA PRO A 126 1.08 8.40 29.79
C PRO A 126 2.56 8.09 29.89
N VAL A 127 3.33 9.07 29.44
CA VAL A 127 4.77 8.93 29.25
C VAL A 127 5.44 9.71 30.37
N ASN A 128 6.58 9.21 30.87
CA ASN A 128 7.15 9.86 32.03
C ASN A 128 8.00 11.07 31.62
N GLN A 129 8.54 11.76 32.63
CA GLN A 129 9.49 12.86 32.39
C GLN A 129 10.53 12.54 31.31
N ASP A 130 11.19 11.39 31.41
CA ASP A 130 12.21 11.08 30.41
C ASP A 130 11.60 10.77 29.04
N GLY A 131 10.28 10.92 28.89
CA GLY A 131 9.54 10.65 27.66
C GLY A 131 9.30 9.22 27.25
N VAL A 132 9.24 8.30 28.20
CA VAL A 132 9.24 6.85 27.94
C VAL A 132 8.24 6.23 28.90
N VAL A 133 7.76 5.05 28.52
CA VAL A 133 6.96 4.18 29.39
C VAL A 133 7.84 3.03 29.87
N GLU A 134 7.91 2.85 31.18
CA GLU A 134 8.79 1.85 31.77
C GLU A 134 8.04 0.53 31.94
N ALA A 135 8.81 -0.55 32.17
CA ALA A 135 8.23 -1.88 32.04
C ALA A 135 7.33 -2.23 33.23
N HIS A 136 7.62 -1.64 34.38
CA HIS A 136 6.84 -1.97 35.57
C HIS A 136 5.43 -1.39 35.50
N THR A 137 5.27 -0.17 34.95
CA THR A 137 3.92 0.35 34.75
C THR A 137 3.10 -0.50 33.78
N VAL A 138 3.69 -0.92 32.65
CA VAL A 138 2.95 -1.84 31.77
C VAL A 138 2.56 -3.07 32.56
N ARG A 139 3.46 -3.57 33.42
CA ARG A 139 3.14 -4.76 34.20
C ARG A 139 1.97 -4.48 35.14
N ASP A 140 1.92 -3.28 35.72
CA ASP A 140 0.83 -2.94 36.63
C ASP A 140 -0.50 -2.89 35.88
N PHE A 141 -0.46 -2.60 34.59
CA PHE A 141 -1.71 -2.48 33.84
C PHE A 141 -2.15 -3.75 33.10
N ILE A 142 -1.32 -4.80 33.05
CA ILE A 142 -1.73 -6.05 32.42
C ILE A 142 -2.60 -6.84 33.39
N THR A 143 -3.72 -7.36 32.88
CA THR A 143 -4.63 -8.27 33.56
C THR A 143 -4.73 -9.57 32.77
N ASP A 144 -5.69 -10.43 33.13
CA ASP A 144 -5.86 -11.60 32.30
C ASP A 144 -6.83 -11.38 31.16
N LYS A 145 -7.17 -10.14 30.86
CA LYS A 145 -7.89 -9.79 29.65
C LYS A 145 -7.05 -9.02 28.65
N THR A 146 -5.79 -8.70 28.97
CA THR A 146 -4.95 -7.99 28.02
C THR A 146 -4.54 -8.90 26.88
N ALA A 147 -4.92 -8.50 25.67
CA ALA A 147 -4.64 -9.22 24.44
C ALA A 147 -3.31 -8.81 23.83
N LEU A 148 -2.95 -7.53 23.94
CA LEU A 148 -1.81 -6.99 23.23
C LEU A 148 -1.28 -5.74 23.92
N VAL A 149 0.05 -5.61 23.91
CA VAL A 149 0.72 -4.40 24.35
C VAL A 149 1.41 -3.84 23.13
N SER A 150 1.10 -2.60 22.78
CA SER A 150 1.62 -1.94 21.59
C SER A 150 2.32 -0.67 22.03
N ILE A 151 3.64 -0.69 22.03
CA ILE A 151 4.45 0.45 22.44
C ILE A 151 5.52 0.72 21.37
N MET A 152 5.55 1.95 20.86
CA MET A 152 6.53 2.29 19.85
C MET A 152 7.95 2.13 20.37
N TRP A 153 8.85 1.75 19.45
CA TRP A 153 10.24 1.51 19.81
C TRP A 153 10.97 2.81 20.17
N ALA A 154 10.77 3.85 19.36
CA ALA A 154 11.34 5.15 19.60
C ALA A 154 10.37 6.23 19.15
N ASN A 155 10.40 7.36 19.84
CA ASN A 155 9.42 8.40 19.62
C ASN A 155 9.85 9.28 18.45
N ASN A 156 8.86 9.68 17.65
CA ASN A 156 9.17 10.43 16.44
C ASN A 156 9.31 11.93 16.71
N GLU A 157 8.79 12.40 17.85
CA GLU A 157 8.92 13.81 18.20
C GLU A 157 10.13 14.11 19.06
N THR A 158 10.42 13.25 20.04
CA THR A 158 11.55 13.45 20.94
C THR A 158 12.75 12.56 20.63
N GLY A 159 12.57 11.47 19.91
CA GLY A 159 13.66 10.54 19.71
C GLY A 159 13.97 9.67 20.90
N ALA A 160 13.15 9.71 21.96
CA ALA A 160 13.42 8.91 23.13
C ALA A 160 13.20 7.44 22.81
N ILE A 161 14.09 6.59 23.31
CA ILE A 161 14.06 5.17 23.02
C ILE A 161 13.31 4.47 24.15
N PHE A 162 12.39 3.62 23.79
CA PHE A 162 11.63 2.89 24.80
C PHE A 162 12.37 1.63 25.20
N PRO A 163 12.23 1.19 26.46
CA PRO A 163 12.94 -0.02 26.92
C PRO A 163 12.21 -1.28 26.51
N VAL A 164 12.25 -1.53 25.20
CA VAL A 164 11.41 -2.56 24.61
C VAL A 164 11.82 -3.95 25.09
N GLU A 165 13.08 -4.12 25.50
CA GLU A 165 13.52 -5.43 25.96
C GLU A 165 12.86 -5.79 27.28
N GLU A 166 12.88 -4.87 28.25
CA GLU A 166 12.24 -5.12 29.53
C GLU A 166 10.73 -5.26 29.37
N ILE A 167 10.12 -4.42 28.54
CA ILE A 167 8.69 -4.55 28.32
C ILE A 167 8.38 -5.93 27.77
N SER A 168 9.24 -6.46 26.89
CA SER A 168 9.03 -7.80 26.35
C SER A 168 9.17 -8.84 27.46
N GLU A 169 10.19 -8.70 28.31
CA GLU A 169 10.33 -9.62 29.45
C GLU A 169 9.05 -9.67 30.26
N ILE A 170 8.51 -8.49 30.62
CA ILE A 170 7.27 -8.45 31.39
C ILE A 170 6.13 -9.09 30.62
N CYS A 171 6.03 -8.80 29.33
CA CYS A 171 4.98 -9.40 28.50
C CYS A 171 5.09 -10.92 28.46
N LYS A 172 6.31 -11.45 28.40
CA LYS A 172 6.48 -12.89 28.35
C LYS A 172 6.16 -13.54 29.69
N GLU A 173 6.47 -12.88 30.80
CA GLU A 173 6.03 -13.40 32.09
C GLU A 173 4.52 -13.51 32.14
N LYS A 174 3.83 -12.46 31.71
CA LYS A 174 2.37 -12.46 31.73
C LYS A 174 1.76 -13.13 30.51
N GLY A 175 2.59 -13.56 29.56
CA GLY A 175 2.10 -14.23 28.36
C GLY A 175 1.17 -13.40 27.51
N VAL A 176 1.54 -12.16 27.21
CA VAL A 176 0.73 -11.28 26.38
C VAL A 176 1.57 -10.80 25.20
N LEU A 177 0.95 -10.75 24.02
CA LEU A 177 1.67 -10.38 22.80
C LEU A 177 2.16 -8.94 22.85
N PHE A 178 3.31 -8.71 22.21
CA PHE A 178 4.01 -7.43 22.22
C PHE A 178 4.30 -6.97 20.80
N HIS A 179 3.71 -5.83 20.42
CA HIS A 179 3.98 -5.16 19.16
C HIS A 179 4.67 -3.83 19.39
N THR A 180 5.62 -3.50 18.52
CA THR A 180 6.28 -2.20 18.56
C THR A 180 6.26 -1.54 17.18
N ASP A 181 6.02 -0.22 17.20
CA ASP A 181 6.15 0.63 16.02
C ASP A 181 7.63 0.99 15.93
N GLY A 182 8.37 0.30 15.07
CA GLY A 182 9.80 0.50 15.01
C GLY A 182 10.28 1.43 13.90
N VAL A 183 9.36 2.21 13.36
CA VAL A 183 9.67 3.08 12.24
C VAL A 183 10.84 3.99 12.56
N GLN A 184 10.90 4.49 13.78
CA GLN A 184 11.96 5.41 14.17
C GLN A 184 13.23 4.69 14.56
N ALA A 185 13.24 3.37 14.59
CA ALA A 185 14.41 2.68 15.12
C ALA A 185 15.42 2.36 14.02
N ILE A 186 14.94 2.03 12.83
CA ILE A 186 15.78 1.58 11.73
C ILE A 186 16.71 2.71 11.28
N GLY A 187 18.00 2.44 11.28
CA GLY A 187 19.00 3.41 10.88
C GLY A 187 19.51 4.32 11.98
N LYS A 188 18.87 4.34 13.14
CA LYS A 188 19.26 5.21 14.24
C LYS A 188 19.71 4.42 15.46
N ILE A 189 19.17 3.23 15.70
CA ILE A 189 19.62 2.42 16.82
C ILE A 189 19.80 0.99 16.33
N PRO A 190 20.57 0.19 17.05
CA PRO A 190 20.67 -1.24 16.74
C PRO A 190 19.31 -1.91 16.89
N VAL A 191 18.94 -2.70 15.89
CA VAL A 191 17.65 -3.35 15.86
C VAL A 191 17.88 -4.84 15.72
N ASP A 192 17.55 -5.58 16.79
CA ASP A 192 17.58 -7.03 16.82
C ASP A 192 16.23 -7.41 17.43
N VAL A 193 15.31 -7.91 16.59
CA VAL A 193 13.95 -8.12 17.06
C VAL A 193 13.83 -9.32 17.98
N ILE A 194 14.89 -10.08 18.13
CA ILE A 194 14.91 -11.16 19.10
C ILE A 194 15.46 -10.69 20.45
N ARG A 195 16.43 -9.78 20.43
CA ARG A 195 16.90 -9.22 21.69
C ARG A 195 15.88 -8.25 22.26
N ALA A 196 15.07 -7.64 21.39
CA ALA A 196 13.95 -6.82 21.85
C ALA A 196 12.78 -7.66 22.32
N GLY A 197 12.74 -8.94 21.95
CA GLY A 197 11.69 -9.85 22.39
C GLY A 197 10.31 -9.60 21.83
N VAL A 198 10.20 -8.80 20.77
CA VAL A 198 8.91 -8.37 20.26
C VAL A 198 8.26 -9.48 19.47
N ASP A 199 6.93 -9.51 19.51
CA ASP A 199 6.15 -10.43 18.69
C ASP A 199 5.77 -9.81 17.36
N PHE A 200 5.62 -8.48 17.31
CA PHE A 200 5.31 -7.79 16.07
C PHE A 200 6.09 -6.48 15.97
N MET A 201 6.55 -6.15 14.77
CA MET A 201 7.23 -4.86 14.60
C MET A 201 6.88 -4.22 13.27
N SER A 202 6.49 -2.95 13.30
CA SER A 202 6.16 -2.22 12.10
C SER A 202 7.36 -1.37 11.67
N PHE A 203 7.57 -1.26 10.37
CA PHE A 203 8.61 -0.35 9.90
C PHE A 203 8.22 0.20 8.54
N SER A 204 8.86 1.32 8.17
CA SER A 204 8.49 2.05 6.97
C SER A 204 9.76 2.51 6.27
N ALA A 205 9.87 2.21 4.97
CA ALA A 205 11.11 2.40 4.24
C ALA A 205 11.48 3.87 4.08
N HIS A 206 10.50 4.74 3.88
CA HIS A 206 10.79 6.13 3.57
C HIS A 206 11.36 6.89 4.77
N1 LLP A 207 4.84 5.49 12.64
C2 LLP A 207 5.85 6.27 13.07
C2' LLP A 207 6.33 6.13 14.55
C3 LLP A 207 6.54 7.16 12.19
O3 LLP A 207 7.56 8.00 12.66
C4 LLP A 207 6.03 7.39 10.94
C4' LLP A 207 6.73 8.30 9.78
C5 LLP A 207 5.07 6.54 10.47
C6 LLP A 207 4.41 5.62 11.31
C5' LLP A 207 4.68 6.74 8.96
OP4 LLP A 207 4.38 5.46 8.42
P LLP A 207 3.94 5.38 6.94
OP1 LLP A 207 2.45 5.09 6.84
OP2 LLP A 207 4.72 4.32 6.27
OP3 LLP A 207 4.30 6.68 6.30
N LLP A 207 11.52 6.19 5.89
CA LLP A 207 12.18 6.76 7.07
CB LLP A 207 11.58 6.19 8.33
CG LLP A 207 10.38 6.95 8.89
CD LLP A 207 10.21 8.46 8.60
CE LLP A 207 8.69 8.50 8.38
NZ LLP A 207 7.97 7.70 9.39
C LLP A 207 13.64 6.43 7.07
O LLP A 207 14.43 7.19 7.63
N PHE A 208 14.03 5.31 6.48
CA PHE A 208 15.45 5.05 6.40
C PHE A 208 15.98 5.10 4.96
N HIS A 209 15.62 6.18 4.27
CA HIS A 209 16.13 6.54 2.95
C HIS A 209 15.66 5.56 1.87
N GLY A 210 14.54 4.89 2.11
CA GLY A 210 13.87 4.11 1.10
C GLY A 210 12.74 4.87 0.42
N PRO A 211 12.13 4.26 -0.59
CA PRO A 211 11.05 4.95 -1.29
C PRO A 211 9.78 4.97 -0.45
N LYS A 212 8.93 5.93 -0.77
CA LYS A 212 7.59 5.95 -0.22
C LYS A 212 6.76 4.87 -0.90
N GLY A 213 5.76 4.39 -0.18
CA GLY A 213 4.83 3.41 -0.68
C GLY A 213 5.11 1.97 -0.30
N VAL A 214 6.06 1.73 0.60
CA VAL A 214 6.45 0.37 0.96
C VAL A 214 6.81 0.36 2.43
N GLY A 215 6.29 -0.62 3.16
CA GLY A 215 6.65 -0.85 4.54
C GLY A 215 6.72 -2.32 4.87
N GLY A 216 6.85 -2.65 6.14
CA GLY A 216 6.93 -4.04 6.53
C GLY A 216 6.37 -4.27 7.91
N LEU A 217 5.95 -5.51 8.13
CA LEU A 217 5.56 -6.00 9.44
C LEU A 217 6.30 -7.30 9.69
N TYR A 218 7.07 -7.31 10.77
CA TYR A 218 7.76 -8.50 11.23
C TYR A 218 6.85 -9.21 12.20
N ILE A 219 6.83 -10.54 12.08
CA ILE A 219 6.03 -11.41 12.94
C ILE A 219 6.93 -12.52 13.44
N ARG A 220 6.98 -12.69 14.76
CA ARG A 220 7.76 -13.74 15.38
C ARG A 220 7.17 -15.12 15.17
N ASN A 221 7.99 -16.04 14.66
CA ASN A 221 7.66 -17.45 14.60
C ASN A 221 6.45 -17.72 13.72
N GLY A 222 6.17 -16.82 12.79
CA GLY A 222 4.98 -16.89 11.97
C GLY A 222 3.70 -16.99 12.77
N HIS A 223 3.60 -16.21 13.83
CA HIS A 223 2.43 -16.20 14.68
C HIS A 223 1.16 -15.93 13.88
N PRO A 224 0.07 -16.64 14.12
CA PRO A 224 -1.16 -16.41 13.37
C PRO A 224 -1.63 -14.96 13.56
N LEU A 225 -1.99 -14.32 12.45
CA LEU A 225 -2.53 -12.97 12.50
C LEU A 225 -3.41 -12.78 11.28
N THR A 226 -4.72 -12.66 11.52
CA THR A 226 -5.73 -12.59 10.47
C THR A 226 -5.40 -11.48 9.48
N SER A 227 -5.44 -11.82 8.19
CA SER A 227 -5.00 -10.88 7.18
C SER A 227 -5.86 -9.63 7.17
N LEU A 228 -5.22 -8.48 6.96
CA LEU A 228 -5.97 -7.25 6.75
C LEU A 228 -6.45 -7.17 5.31
N LEU A 229 -5.63 -7.67 4.39
CA LEU A 229 -5.92 -7.72 2.96
C LEU A 229 -5.98 -9.19 2.62
N HIS A 230 -7.16 -9.66 2.21
CA HIS A 230 -7.36 -11.03 1.80
C HIS A 230 -7.31 -11.17 0.28
N GLY A 231 -7.14 -12.41 -0.16
CA GLY A 231 -7.06 -12.70 -1.57
C GLY A 231 -6.14 -13.82 -2.00
N GLY A 232 -5.31 -13.52 -2.98
CA GLY A 232 -4.28 -14.44 -3.43
C GLY A 232 -3.25 -14.71 -2.36
N GLU A 233 -2.36 -15.64 -2.67
CA GLU A 233 -1.38 -16.02 -1.66
C GLU A 233 -0.06 -15.30 -1.90
N HIS A 234 -0.12 -13.97 -1.88
CA HIS A 234 1.12 -13.26 -1.90
C HIS A 234 1.61 -13.25 -0.46
N MET A 235 2.91 -13.14 -0.28
CA MET A 235 3.52 -12.98 1.03
C MET A 235 3.09 -14.12 1.96
N GLY A 236 3.11 -15.34 1.43
CA GLY A 236 2.65 -16.48 2.20
C GLY A 236 1.17 -16.47 2.51
N GLY A 237 0.36 -15.80 1.69
CA GLY A 237 -1.06 -15.78 1.96
C GLY A 237 -1.46 -14.88 3.10
N ARG A 238 -0.58 -13.96 3.49
CA ARG A 238 -0.82 -13.10 4.64
C ARG A 238 -1.14 -11.68 4.24
N ARG A 239 -0.90 -11.31 2.99
CA ARG A 239 -1.15 -9.96 2.52
C ARG A 239 -1.23 -10.06 1.01
N SER A 240 -2.44 -9.96 0.48
CA SER A 240 -2.65 -10.13 -0.94
C SER A 240 -2.27 -8.85 -1.69
N GLY A 241 -2.24 -8.97 -3.00
CA GLY A 241 -1.92 -7.86 -3.89
C GLY A 241 -0.57 -8.02 -4.57
N THR A 242 -0.53 -7.67 -5.86
CA THR A 242 0.67 -7.79 -6.66
C THR A 242 1.83 -7.11 -5.94
N LEU A 243 2.99 -7.77 -5.92
CA LEU A 243 4.13 -7.24 -5.18
C LEU A 243 4.62 -5.92 -5.77
N ASN A 244 4.92 -4.98 -4.88
CA ASN A 244 5.55 -3.73 -5.22
C ASN A 244 7.04 -4.04 -5.37
N VAL A 245 7.38 -4.61 -6.55
CA VAL A 245 8.75 -5.07 -6.77
C VAL A 245 9.77 -3.96 -6.58
N PRO A 246 9.63 -2.78 -7.20
CA PRO A 246 10.62 -1.71 -6.94
C PRO A 246 10.70 -1.33 -5.48
N GLY A 247 9.55 -1.22 -4.82
CA GLY A 247 9.55 -0.90 -3.40
C GLY A 247 10.28 -1.94 -2.56
N ILE A 248 10.09 -3.21 -2.88
CA ILE A 248 10.74 -4.26 -2.11
C ILE A 248 12.25 -4.22 -2.31
N VAL A 249 12.70 -4.14 -3.57
CA VAL A 249 14.14 -4.07 -3.84
C VAL A 249 14.75 -2.86 -3.16
N GLY A 250 14.07 -1.70 -3.29
CA GLY A 250 14.57 -0.49 -2.69
C GLY A 250 14.63 -0.59 -1.18
N MET A 251 13.59 -1.16 -0.59
CA MET A 251 13.56 -1.29 0.87
C MET A 251 14.70 -2.17 1.36
N GLY A 252 14.97 -3.27 0.64
CA GLY A 252 16.06 -4.14 1.03
C GLY A 252 17.38 -3.42 1.00
N LYS A 253 17.66 -2.73 -0.11
CA LYS A 253 18.90 -1.98 -0.24
C LYS A 253 19.00 -0.89 0.82
N ALA A 254 17.89 -0.19 1.08
CA ALA A 254 17.92 0.89 2.05
C ALA A 254 18.17 0.36 3.45
N MET A 255 17.64 -0.82 3.79
CA MET A 255 17.82 -1.36 5.12
C MET A 255 19.25 -1.83 5.31
N GLU A 256 19.83 -2.42 4.26
CA GLU A 256 21.25 -2.77 4.31
C GLU A 256 22.10 -1.53 4.51
N LEU A 257 21.81 -0.47 3.75
CA LEU A 257 22.54 0.78 3.89
C LEU A 257 22.36 1.38 5.28
N ALA A 258 21.16 1.26 5.85
CA ALA A 258 20.90 1.84 7.16
C ALA A 258 21.74 1.16 8.22
N THR A 259 21.80 -0.17 8.20
CA THR A 259 22.63 -0.84 9.20
C THR A 259 24.10 -0.60 8.94
N TYR A 260 24.51 -0.38 7.67
CA TYR A 260 25.90 -0.04 7.45
C TYR A 260 26.24 1.32 8.01
N TYR A 261 25.39 2.30 7.76
CA TYR A 261 25.61 3.68 8.17
C TYR A 261 25.33 3.90 9.65
N LEU A 262 24.84 2.87 10.36
CA LEU A 262 24.47 3.04 11.76
C LEU A 262 25.62 3.57 12.58
N LYS A 263 26.86 3.16 12.30
CA LYS A 263 27.93 3.71 13.12
C LYS A 263 28.35 5.10 12.65
N PHE A 264 28.16 5.42 11.37
CA PHE A 264 28.28 6.81 10.94
C PHE A 264 27.27 7.69 11.68
N GLU A 265 26.07 7.17 11.92
CA GLU A 265 25.03 7.95 12.55
C GLU A 265 25.28 8.07 14.04
N GLU A 266 25.81 7.02 14.65
CA GLU A 266 26.16 7.07 16.07
C GLU A 266 27.31 8.04 16.29
N GLU A 267 28.25 8.14 15.35
CA GLU A 267 29.39 9.01 15.61
C GLU A 267 29.23 10.41 15.02
N HIS A 268 29.23 10.50 13.68
CA HIS A 268 29.24 11.81 13.04
C HIS A 268 27.92 12.55 13.19
N VAL A 269 26.82 11.89 12.86
CA VAL A 269 25.51 12.53 12.96
C VAL A 269 25.23 12.91 14.39
N ARG A 270 25.61 12.06 15.35
CA ARG A 270 25.42 12.41 16.75
C ARG A 270 26.24 13.65 17.08
N LYS A 271 27.45 13.74 16.53
CA LYS A 271 28.28 14.91 16.76
C LYS A 271 27.63 16.18 16.22
N LEU A 272 27.02 16.10 15.04
CA LEU A 272 26.36 17.26 14.46
C LEU A 272 25.10 17.62 15.24
N ARG A 273 24.36 16.61 15.68
CA ARG A 273 23.20 16.83 16.54
C ARG A 273 23.61 17.55 17.82
N ASP A 274 24.69 17.08 18.44
CA ASP A 274 25.08 17.68 19.70
C ASP A 274 25.58 19.10 19.49
N LYS A 275 26.30 19.35 18.39
CA LYS A 275 26.67 20.72 18.07
C LYS A 275 25.46 21.64 17.97
N LEU A 276 24.47 21.24 17.15
CA LEU A 276 23.27 22.04 16.98
C LEU A 276 22.55 22.24 18.31
N GLU A 277 22.42 21.18 19.09
CA GLU A 277 21.62 21.25 20.32
C GLU A 277 22.33 22.10 21.38
N ASP A 278 23.65 21.92 21.54
CA ASP A 278 24.40 22.77 22.47
C ASP A 278 24.30 24.23 22.07
N ALA A 279 24.49 24.51 20.77
CA ALA A 279 24.39 25.89 20.30
C ALA A 279 23.01 26.48 20.57
N ILE A 280 21.96 25.70 20.34
CA ILE A 280 20.61 26.23 20.55
C ILE A 280 20.37 26.46 22.03
N LEU A 281 20.86 25.56 22.88
CA LEU A 281 20.70 25.65 24.32
C LEU A 281 21.55 26.76 24.91
N GLU A 282 22.43 27.35 24.11
CA GLU A 282 23.13 28.55 24.57
C GLU A 282 22.20 29.76 24.63
N ILE A 283 21.06 29.71 23.94
CA ILE A 283 20.02 30.75 24.00
C ILE A 283 19.28 30.70 25.34
N PRO A 284 19.05 31.85 25.98
CA PRO A 284 18.33 31.86 27.27
C PRO A 284 16.91 31.35 27.10
N ASP A 285 16.44 30.63 28.12
CA ASP A 285 15.05 30.15 28.20
C ASP A 285 14.72 29.22 27.03
N THR A 286 15.62 28.29 26.77
CA THR A 286 15.42 27.20 25.83
C THR A 286 15.58 25.87 26.56
N TYR A 287 14.82 24.87 26.14
CA TYR A 287 14.85 23.59 26.84
C TYR A 287 14.76 22.45 25.84
N SER A 288 15.73 21.52 25.91
CA SER A 288 15.65 20.34 25.07
C SER A 288 14.77 19.29 25.75
N VAL A 289 13.82 18.74 25.00
CA VAL A 289 12.91 17.75 25.57
C VAL A 289 13.60 16.39 25.55
N GLY A 290 13.60 15.71 26.69
CA GLY A 290 14.09 14.36 26.79
C GLY A 290 15.59 14.29 27.01
N PRO A 291 16.02 13.30 27.79
CA PRO A 291 17.46 13.15 28.04
C PRO A 291 18.18 12.62 26.80
N ARG A 292 19.34 13.21 26.51
CA ARG A 292 20.06 12.86 25.29
C ARG A 292 20.61 11.45 25.37
N GLU A 293 21.04 11.04 26.56
CA GLU A 293 21.63 9.72 26.78
C GLU A 293 20.63 8.60 26.59
N ASN A 294 19.37 8.92 26.29
CA ASN A 294 18.37 7.93 25.94
C ASN A 294 17.71 8.29 24.60
N ARG A 295 18.37 9.09 23.77
CA ARG A 295 17.75 9.60 22.56
C ARG A 295 18.48 9.13 21.32
N THR A 296 17.68 8.91 20.27
CA THR A 296 18.21 8.58 18.95
C THR A 296 19.23 9.67 18.57
N PRO A 297 20.27 9.34 17.79
CA PRO A 297 21.37 10.30 17.62
C PRO A 297 21.02 11.51 16.78
N ASN A 298 19.87 11.54 16.10
CA ASN A 298 19.62 12.52 15.06
C ASN A 298 18.52 13.52 15.39
N THR A 299 17.98 13.50 16.60
CA THR A 299 16.74 14.21 16.91
C THR A 299 16.97 15.25 18.00
N ILE A 300 16.36 16.42 17.83
CA ILE A 300 16.23 17.41 18.89
C ILE A 300 14.79 17.89 18.91
N LEU A 301 14.24 18.08 20.11
CA LEU A 301 12.95 18.76 20.27
C LEU A 301 13.19 19.89 21.27
N VAL A 302 13.20 21.13 20.79
CA VAL A 302 13.59 22.28 21.62
C VAL A 302 12.37 23.17 21.81
N SER A 303 12.14 23.56 23.06
CA SER A 303 11.06 24.45 23.42
C SER A 303 11.67 25.81 23.76
N VAL A 304 11.17 26.85 23.10
CA VAL A 304 11.60 28.22 23.36
C VAL A 304 10.49 28.91 24.13
N ARG A 305 10.87 29.74 25.09
CA ARG A 305 9.90 30.25 26.04
C ARG A 305 9.12 31.40 25.42
N GLY A 306 9.84 32.38 24.88
CA GLY A 306 9.21 33.60 24.40
C GLY A 306 8.50 33.41 23.08
N VAL A 307 9.05 32.55 22.22
CA VAL A 307 8.55 32.35 20.86
C VAL A 307 7.55 31.21 20.77
N GLU A 308 6.73 31.24 19.71
CA GLU A 308 5.74 30.20 19.43
C GLU A 308 6.23 29.26 18.34
N GLY A 309 5.95 27.96 18.53
CA GLY A 309 6.60 26.98 17.68
C GLY A 309 6.23 27.11 16.21
N GLU A 310 4.94 27.36 15.92
CA GLU A 310 4.52 27.46 14.51
C GLU A 310 5.16 28.66 13.84
N ALA A 311 5.25 29.78 14.55
CA ALA A 311 5.93 30.95 13.99
C ALA A 311 7.39 30.64 13.75
N MET A 312 8.00 29.92 14.69
CA MET A 312 9.41 29.58 14.55
C MET A 312 9.62 28.66 13.37
N LEU A 313 8.68 27.73 13.13
CA LEU A 313 8.78 26.89 11.93
C LEU A 313 8.67 27.72 10.67
N TRP A 314 7.70 28.64 10.63
CA TRP A 314 7.43 29.37 9.38
C TRP A 314 8.61 30.24 8.95
N ASP A 315 9.05 31.19 9.80
CA ASP A 315 10.24 31.97 9.47
C ASP A 315 11.52 31.08 9.41
N LEU A 316 11.62 29.92 10.09
CA LEU A 316 12.80 29.09 9.76
C LEU A 316 12.72 28.62 8.31
N ASN A 317 11.52 28.23 7.86
CA ASN A 317 11.31 27.83 6.48
C ASN A 317 11.58 28.99 5.52
N ARG A 318 11.23 30.21 5.94
CA ARG A 318 11.57 31.37 5.12
C ARG A 318 13.07 31.47 4.96
N ALA A 319 13.83 30.99 5.93
CA ALA A 319 15.26 30.91 5.82
C ALA A 319 15.71 29.62 5.13
N GLY A 320 14.78 28.85 4.59
CA GLY A 320 15.12 27.63 3.88
C GLY A 320 15.30 26.39 4.71
N ILE A 321 14.94 26.43 5.99
CA ILE A 321 15.20 25.33 6.92
C ILE A 321 13.89 24.60 7.18
N ALA A 322 13.89 23.29 6.94
CA ALA A 322 12.73 22.44 7.17
C ALA A 322 12.85 21.74 8.50
N ALA A 323 11.87 21.94 9.38
CA ALA A 323 11.77 21.29 10.66
C ALA A 323 10.29 20.99 10.93
N SER A 324 9.99 20.52 12.13
CA SER A 324 8.62 20.12 12.45
C SER A 324 8.28 20.57 13.88
N THR A 325 7.14 20.10 14.36
CA THR A 325 6.61 20.42 15.67
C THR A 325 6.72 19.21 16.59
N GLY A 326 6.61 19.47 17.89
CA GLY A 326 6.55 18.46 18.93
C GLY A 326 5.84 18.93 20.18
N SER A 327 5.00 18.10 20.79
CA SER A 327 4.22 18.49 21.96
C SER A 327 5.08 18.43 23.22
N ALA A 328 5.00 19.49 24.03
CA ALA A 328 5.72 19.53 25.32
C ALA A 328 4.90 20.21 26.42
N CSS A 329 5.22 19.89 27.67
CA CSS A 329 4.50 20.39 28.83
CB CSS A 329 3.58 19.31 29.43
SG CSS A 329 3.17 19.38 31.13
SD CSS A 329 3.39 17.44 31.92
C CSS A 329 5.54 20.86 29.84
O CSS A 329 6.58 20.24 30.08
N ALA A 330 5.27 22.01 30.46
CA ALA A 330 6.19 22.57 31.46
C ALA A 330 6.14 21.76 32.76
N SER A 331 7.30 21.64 33.42
CA SER A 331 7.39 20.87 34.64
C SER A 331 8.69 21.26 35.35
N GLU A 332 8.99 20.57 36.44
CA GLU A 332 10.24 20.71 37.17
C GLU A 332 10.88 19.34 37.33
N ASP A 333 12.14 19.33 37.74
CA ASP A 333 12.87 18.10 38.03
C ASP A 333 12.80 17.82 39.53
N LEU A 334 13.63 16.90 40.01
CA LEU A 334 13.66 16.62 41.43
C LEU A 334 14.33 17.75 42.19
N GLU A 335 15.20 18.51 41.54
CA GLU A 335 15.81 19.69 42.13
C GLU A 335 14.94 20.93 41.98
N ALA A 336 13.72 20.78 41.43
CA ALA A 336 12.77 21.88 41.24
C ALA A 336 13.31 22.92 40.24
N ASN A 337 13.92 22.44 39.14
CA ASN A 337 14.42 23.27 38.04
C ASN A 337 13.49 23.18 36.84
N PRO A 338 13.14 24.29 36.20
CA PRO A 338 12.16 24.25 35.11
C PRO A 338 12.69 23.46 33.91
N ILE A 339 11.88 22.50 33.47
CA ILE A 339 12.17 21.60 32.36
C ILE A 339 10.92 21.50 31.50
N MET A 340 11.11 21.13 30.25
CA MET A 340 10.03 20.80 29.34
C MET A 340 10.06 19.31 29.10
N VAL A 341 8.89 18.67 29.19
CA VAL A 341 8.83 17.22 29.13
C VAL A 341 7.81 16.81 28.07
N ALA A 342 7.91 15.55 27.64
CA ALA A 342 7.05 15.05 26.60
C ALA A 342 5.62 14.91 27.10
N VAL A 343 4.66 15.09 26.20
CA VAL A 343 3.26 14.99 26.55
C VAL A 343 2.48 14.63 25.31
N GLY A 344 1.34 13.97 25.49
CA GLY A 344 0.51 13.64 24.35
C GLY A 344 0.01 14.88 23.67
N ALA A 345 -0.23 14.77 22.36
CA ALA A 345 -0.63 15.94 21.58
C ALA A 345 -2.01 16.43 22.01
N ASP A 346 -2.85 15.53 22.52
CA ASP A 346 -4.21 15.86 22.87
C ASP A 346 -4.33 16.47 24.26
N SER A 347 -3.21 16.67 24.95
CA SER A 347 -3.23 17.40 26.20
C SER A 347 -3.45 18.88 25.97
N GLU A 348 -4.10 19.52 26.96
CA GLU A 348 -4.31 20.96 26.94
C GLU A 348 -3.20 21.67 27.66
N LEU A 349 -2.34 20.92 28.34
CA LEU A 349 -1.12 21.46 28.90
C LEU A 349 0.02 21.37 27.92
N ALA A 350 -0.27 21.15 26.64
CA ALA A 350 0.77 21.03 25.63
C ALA A 350 0.99 22.30 24.84
N HIS A 351 2.25 22.57 24.51
CA HIS A 351 2.64 23.66 23.64
C HIS A 351 3.58 23.10 22.59
N THR A 352 3.80 23.87 21.53
CA THR A 352 4.57 23.43 20.37
C THR A 352 6.06 23.77 20.53
N ALA A 353 6.90 22.74 20.51
CA ALA A 353 8.35 22.84 20.40
C ALA A 353 8.80 22.50 18.98
N VAL A 354 10.00 22.97 18.63
CA VAL A 354 10.57 22.80 17.30
C VAL A 354 11.35 21.47 17.27
N ARG A 355 11.04 20.62 16.31
CA ARG A 355 11.70 19.34 16.12
C ARG A 355 12.67 19.44 14.94
N LEU A 356 13.93 19.08 15.18
CA LEU A 356 14.99 19.10 14.20
C LEU A 356 15.59 17.70 14.13
N SER A 357 15.54 17.08 12.95
CA SER A 357 15.99 15.71 12.84
C SER A 357 16.99 15.58 11.70
N LEU A 358 18.19 15.10 12.03
CA LEU A 358 19.25 15.00 11.03
C LEU A 358 19.22 13.65 10.32
N SER A 359 20.11 13.51 9.35
CA SER A 359 20.33 12.26 8.66
C SER A 359 21.80 12.16 8.30
N ARG A 360 22.16 11.00 7.75
CA ARG A 360 23.52 10.78 7.32
C ARG A 360 23.94 11.72 6.20
N PHE A 361 23.01 12.48 5.61
CA PHE A 361 23.36 13.42 4.57
C PHE A 361 23.52 14.86 5.08
N THR A 362 23.35 15.09 6.38
CA THR A 362 23.53 16.42 6.93
C THR A 362 25.01 16.82 7.00
N THR A 363 25.29 18.06 6.64
CA THR A 363 26.62 18.65 6.52
C THR A 363 26.83 19.59 7.72
N GLU A 364 28.10 19.85 8.05
CA GLU A 364 28.36 20.82 9.12
C GLU A 364 28.04 22.24 8.69
N GLU A 365 28.17 22.56 7.40
CA GLU A 365 27.66 23.86 6.94
C GLU A 365 26.18 24.00 7.23
N GLU A 366 25.41 22.96 6.92
CA GLU A 366 23.97 23.03 7.19
C GLU A 366 23.70 23.26 8.67
N ILE A 367 24.49 22.63 9.53
CA ILE A 367 24.29 22.79 10.97
C ILE A 367 24.66 24.20 11.40
N ASP A 368 25.78 24.73 10.91
CA ASP A 368 26.19 26.09 11.26
C ASP A 368 25.15 27.11 10.81
N TYR A 369 24.69 26.98 9.57
CA TYR A 369 23.65 27.86 9.06
C TYR A 369 22.38 27.75 9.91
N THR A 370 22.00 26.54 10.28
CA THR A 370 20.79 26.36 11.06
C THR A 370 20.94 27.03 12.42
N ILE A 371 22.10 26.88 13.04
CA ILE A 371 22.34 27.56 14.31
C ILE A 371 22.14 29.06 14.16
N GLU A 372 22.81 29.67 13.17
CA GLU A 372 22.70 31.11 13.00
C GLU A 372 21.26 31.54 12.76
N GLN A 373 20.55 30.84 11.87
CA GLN A 373 19.18 31.22 11.53
C GLN A 373 18.23 31.00 12.70
N PHE A 374 18.48 29.97 13.50
CA PHE A 374 17.65 29.70 14.67
C PHE A 374 17.80 30.84 15.67
N LYS A 375 19.05 31.24 15.92
CA LYS A 375 19.29 32.36 16.83
C LYS A 375 18.60 33.62 16.32
N LYS A 376 18.80 33.95 15.03
CA LYS A 376 18.11 35.11 14.45
C LYS A 376 16.61 35.07 14.69
N ALA A 377 15.96 33.94 14.34
CA ALA A 377 14.51 33.85 14.50
C ALA A 377 14.05 34.03 15.94
N VAL A 378 14.76 33.40 16.89
CA VAL A 378 14.38 33.57 18.30
C VAL A 378 14.46 35.04 18.68
N GLU A 379 15.57 35.68 18.34
CA GLU A 379 15.72 37.09 18.71
C GLU A 379 14.65 37.93 18.04
N ARG A 380 14.40 37.64 16.78
CA ARG A 380 13.42 38.45 16.06
C ARG A 380 12.05 38.33 16.72
N LEU A 381 11.63 37.12 17.07
CA LEU A 381 10.26 36.94 17.61
C LEU A 381 10.14 37.33 19.07
N ARG A 382 11.23 37.26 19.84
CA ARG A 382 11.18 37.76 21.20
C ARG A 382 11.19 39.27 21.23
N SER A 383 11.73 39.89 20.18
CA SER A 383 11.81 41.35 20.11
C SER A 383 10.44 41.98 19.86
N ILE A 384 9.46 41.19 19.40
CA ILE A 384 8.12 41.72 19.16
C ILE A 384 7.16 41.41 20.30
N SER A 385 7.59 40.71 21.34
CA SER A 385 6.67 40.34 22.40
C SER A 385 6.51 41.42 23.47
N SER A 386 5.28 41.55 23.96
CA SER A 386 5.06 42.48 25.05
C SER A 386 5.17 41.82 26.41
N SER A 387 5.10 40.49 26.43
CA SER A 387 5.09 39.63 27.60
C SER A 387 6.47 39.12 28.02
N TYR A 388 7.32 38.76 27.05
CA TYR A 388 8.50 37.96 27.37
C TYR A 388 9.50 38.74 28.23
N ALA A 389 10.02 38.07 29.26
CA ALA A 389 11.04 38.63 30.13
C ALA A 389 11.78 37.52 30.90
N HIS B 3 14.80 -16.89 -32.24
CA HIS B 3 14.20 -16.79 -30.91
C HIS B 3 13.92 -15.36 -30.52
N MET B 4 12.70 -15.07 -30.05
CA MET B 4 12.35 -13.72 -29.65
C MET B 4 11.49 -13.72 -28.40
N LYS B 5 11.83 -12.87 -27.43
CA LYS B 5 11.04 -12.73 -26.22
C LYS B 5 9.80 -11.89 -26.55
N VAL B 6 8.62 -12.38 -26.15
CA VAL B 6 7.35 -11.73 -26.49
C VAL B 6 6.47 -11.78 -25.26
N TYR B 7 5.98 -10.63 -24.83
CA TYR B 7 5.19 -10.53 -23.61
C TYR B 7 3.72 -10.41 -24.02
N LEU B 8 2.94 -11.44 -23.73
CA LEU B 8 1.50 -11.37 -23.92
C LEU B 8 0.77 -11.80 -22.66
N ASP B 9 1.22 -11.26 -21.52
CA ASP B 9 0.51 -11.48 -20.27
C ASP B 9 0.14 -10.13 -19.66
N ASN B 10 -0.40 -9.22 -20.49
CA ASN B 10 -0.61 -7.85 -20.06
C ASN B 10 -1.74 -7.78 -19.04
N ASN B 11 -2.67 -8.72 -19.08
CA ASN B 11 -3.74 -8.70 -18.10
C ASN B 11 -3.22 -8.96 -16.70
N ALA B 12 -2.02 -9.54 -16.56
CA ALA B 12 -1.46 -9.73 -15.23
C ALA B 12 -0.68 -8.50 -14.77
N THR B 13 0.14 -7.93 -15.64
CA THR B 13 0.91 -6.73 -15.34
C THR B 13 1.35 -6.13 -16.65
N THR B 14 1.70 -4.85 -16.63
CA THR B 14 2.09 -4.12 -17.83
C THR B 14 3.39 -3.39 -17.59
N ILE B 15 4.06 -3.06 -18.69
CA ILE B 15 5.29 -2.29 -18.65
C ILE B 15 4.96 -0.84 -18.35
N VAL B 16 5.81 -0.20 -17.54
CA VAL B 16 5.67 1.22 -17.25
C VAL B 16 6.10 2.02 -18.47
N ASP B 17 5.19 2.83 -19.00
CA ASP B 17 5.54 3.69 -20.11
C ASP B 17 6.77 4.49 -19.72
N PRO B 18 7.81 4.54 -20.55
CA PRO B 18 8.99 5.35 -20.21
C PRO B 18 8.72 6.80 -19.85
N GLU B 19 7.73 7.45 -20.47
CA GLU B 19 7.38 8.81 -20.09
C GLU B 19 6.71 8.84 -18.72
N VAL B 20 5.92 7.81 -18.39
CA VAL B 20 5.36 7.73 -17.04
C VAL B 20 6.47 7.57 -16.03
N LYS B 21 7.46 6.72 -16.34
CA LYS B 21 8.59 6.54 -15.45
C LYS B 21 9.35 7.85 -15.29
N ALA B 22 9.50 8.60 -16.39
CA ALA B 22 10.17 9.90 -16.35
C ALA B 22 9.39 10.89 -15.49
N ALA B 23 8.06 10.86 -15.58
CA ALA B 23 7.23 11.71 -14.72
C ALA B 23 7.45 11.36 -13.26
N MET B 24 7.71 10.09 -12.97
CA MET B 24 7.90 9.66 -11.59
C MET B 24 9.30 10.03 -11.07
N ASP B 25 10.29 9.99 -11.95
CA ASP B 25 11.69 10.08 -11.53
C ASP B 25 12.03 11.15 -10.50
N PRO B 26 11.56 12.40 -10.60
CA PRO B 26 12.02 13.41 -9.63
C PRO B 26 11.61 13.12 -8.20
N TYR B 27 10.54 12.37 -7.98
CA TYR B 27 9.95 12.24 -6.66
C TYR B 27 10.54 11.11 -5.85
N PHE B 28 11.79 10.73 -6.11
CA PHE B 28 12.52 9.82 -5.22
C PHE B 28 13.64 10.54 -4.49
N THR B 29 14.57 11.14 -5.22
CA THR B 29 15.74 11.78 -4.62
C THR B 29 15.75 13.28 -4.78
N GLN B 30 15.21 13.83 -5.87
CA GLN B 30 15.18 15.27 -6.06
C GLN B 30 14.08 15.93 -5.23
N ILE B 31 12.89 15.35 -5.21
CA ILE B 31 11.74 15.90 -4.52
C ILE B 31 11.23 14.82 -3.56
N TYR B 32 11.58 14.94 -2.29
CA TYR B 32 11.39 13.88 -1.32
C TYR B 32 10.59 14.29 -0.10
N GLY B 33 10.28 15.58 0.07
CA GLY B 33 9.59 16.00 1.26
C GLY B 33 8.24 15.33 1.42
N ASN B 34 7.78 15.27 2.66
CA ASN B 34 6.45 14.72 2.96
C ASN B 34 5.36 15.72 2.63
N PRO B 35 4.39 15.40 1.77
CA PRO B 35 3.39 16.41 1.39
C PRO B 35 2.59 16.91 2.59
N ASN B 36 2.65 16.21 3.72
CA ASN B 36 1.93 16.58 4.94
C ASN B 36 2.71 17.56 5.79
N SER B 37 3.96 17.87 5.39
CA SER B 37 4.72 18.88 6.10
C SER B 37 4.33 20.25 5.56
N LEU B 38 4.62 21.28 6.35
CA LEU B 38 4.27 22.63 5.95
C LEU B 38 5.41 23.37 5.28
N HIS B 39 6.64 22.91 5.44
CA HIS B 39 7.79 23.59 4.87
C HIS B 39 7.85 23.36 3.35
N ASP B 40 8.70 24.16 2.69
CA ASP B 40 8.78 24.15 1.24
C ASP B 40 9.19 22.79 0.69
N PHE B 41 10.04 22.07 1.43
CA PHE B 41 10.41 20.71 1.03
C PHE B 41 9.17 19.83 0.91
N GLY B 42 8.24 19.95 1.87
CA GLY B 42 7.06 19.12 1.82
C GLY B 42 6.09 19.53 0.73
N THR B 43 5.90 20.83 0.55
CA THR B 43 4.91 21.32 -0.42
C THR B 43 5.41 21.31 -1.86
N GLU B 44 6.71 21.08 -2.08
CA GLU B 44 7.24 21.15 -3.44
C GLU B 44 6.50 20.22 -4.40
N CYS B 45 6.05 19.07 -3.93
CA CYS B 45 5.35 18.11 -4.79
C CYS B 45 3.85 18.36 -4.90
N HIS B 46 3.33 19.38 -4.22
CA HIS B 46 1.88 19.60 -4.21
C HIS B 46 1.30 19.87 -5.60
N PRO B 47 1.88 20.70 -6.46
CA PRO B 47 1.30 20.84 -7.80
C PRO B 47 1.31 19.54 -8.59
N ALA B 48 2.33 18.71 -8.43
CA ALA B 48 2.34 17.43 -9.13
C ALA B 48 1.23 16.52 -8.62
N LEU B 49 1.00 16.50 -7.30
CA LEU B 49 -0.09 15.68 -6.77
C LEU B 49 -1.43 16.18 -7.26
N ARG B 50 -1.60 17.50 -7.32
CA ARG B 50 -2.86 18.07 -7.77
C ARG B 50 -3.09 17.72 -9.24
N LYS B 51 -2.05 17.87 -10.07
CA LYS B 51 -2.17 17.53 -11.49
C LYS B 51 -2.50 16.06 -11.67
N ALA B 52 -1.89 15.20 -10.86
CA ALA B 52 -2.17 13.77 -10.93
C ALA B 52 -3.61 13.44 -10.57
N MET B 53 -4.09 14.03 -9.46
CA MET B 53 -5.47 13.77 -9.05
C MET B 53 -6.44 14.26 -10.11
N ASP B 54 -6.14 15.41 -10.72
CA ASP B 54 -6.99 15.92 -11.78
C ASP B 54 -7.01 14.99 -12.97
N GLN B 55 -5.83 14.46 -13.35
CA GLN B 55 -5.78 13.50 -14.45
C GLN B 55 -6.61 12.26 -14.15
N MET B 56 -6.59 11.77 -12.92
CA MET B 56 -7.37 10.58 -12.58
C MET B 56 -8.87 10.88 -12.67
N TYR B 57 -9.28 12.03 -12.11
CA TYR B 57 -10.70 12.41 -12.19
C TYR B 57 -11.12 12.57 -13.64
N GLU B 58 -10.24 13.11 -14.47
CA GLU B 58 -10.60 13.35 -15.86
C GLU B 58 -10.63 12.04 -16.63
N ALA B 59 -9.74 11.11 -16.26
CA ALA B 59 -9.61 9.87 -17.01
C ALA B 59 -10.81 8.97 -16.80
N ILE B 60 -11.39 8.98 -15.59
CA ILE B 60 -12.54 8.10 -15.37
C ILE B 60 -13.87 8.83 -15.45
N GLY B 61 -13.88 10.12 -15.80
CA GLY B 61 -15.16 10.79 -15.90
C GLY B 61 -15.85 11.08 -14.57
N ALA B 62 -15.11 11.06 -13.46
CA ALA B 62 -15.63 11.46 -12.15
C ALA B 62 -15.85 12.96 -12.09
N ARG B 63 -16.70 13.38 -11.14
CA ARG B 63 -17.03 14.78 -11.01
C ARG B 63 -16.29 15.38 -9.82
N ASP B 64 -16.54 16.66 -9.54
CA ASP B 64 -15.87 17.27 -8.38
C ASP B 64 -16.43 16.79 -7.06
N GLU B 65 -17.73 16.50 -7.01
CA GLU B 65 -18.38 16.02 -5.80
C GLU B 65 -17.81 14.68 -5.35
N ASP B 66 -17.40 13.82 -6.28
CA ASP B 66 -16.96 12.48 -5.93
C ASP B 66 -15.57 12.51 -5.31
N ASP B 67 -15.20 11.36 -4.75
CA ASP B 67 -13.91 11.14 -4.10
C ASP B 67 -13.12 10.08 -4.84
N ILE B 68 -11.81 10.26 -4.94
CA ILE B 68 -10.89 9.25 -5.48
C ILE B 68 -9.75 9.07 -4.48
N VAL B 69 -9.78 7.97 -3.73
CA VAL B 69 -8.78 7.71 -2.72
C VAL B 69 -7.68 6.84 -3.32
N VAL B 70 -6.44 7.27 -3.16
CA VAL B 70 -5.29 6.53 -3.67
C VAL B 70 -4.96 5.45 -2.66
N THR B 71 -5.01 4.20 -3.09
CA THR B 71 -4.64 3.03 -2.30
C THR B 71 -3.30 2.47 -2.78
N SER B 72 -2.87 1.38 -2.15
CA SER B 72 -1.65 0.70 -2.60
C SER B 72 -1.86 -0.25 -3.76
N CYS B 73 -3.09 -0.71 -3.99
CA CYS B 73 -3.42 -1.66 -5.03
C CYS B 73 -4.92 -1.89 -5.01
N ALA B 74 -5.45 -2.45 -6.11
CA ALA B 74 -6.87 -2.72 -6.18
C ALA B 74 -7.29 -3.79 -5.19
N THR B 75 -6.37 -4.65 -4.77
CA THR B 75 -6.68 -5.60 -3.71
C THR B 75 -7.06 -4.84 -2.44
N GLU B 76 -6.30 -3.80 -2.10
CA GLU B 76 -6.69 -2.94 -0.99
C GLU B 76 -8.09 -2.38 -1.22
N SER B 77 -8.36 -1.89 -2.44
CA SER B 77 -9.65 -1.25 -2.71
C SER B 77 -10.82 -2.21 -2.52
N ASN B 78 -10.68 -3.45 -3.03
CA ASN B 78 -11.74 -4.44 -2.90
C ASN B 78 -11.94 -4.83 -1.44
N ASN B 79 -10.83 -5.14 -0.74
CA ASN B 79 -10.91 -5.39 0.69
C ASN B 79 -11.64 -4.26 1.39
N TRP B 80 -11.29 -3.03 1.04
CA TRP B 80 -11.84 -1.85 1.71
C TRP B 80 -13.34 -1.77 1.49
N VAL B 81 -13.80 -1.90 0.26
CA VAL B 81 -15.23 -1.69 0.02
C VAL B 81 -16.04 -2.84 0.61
N LEU B 82 -15.55 -4.08 0.46
CA LEU B 82 -16.29 -5.21 1.01
C LEU B 82 -16.35 -5.17 2.54
N LYS B 83 -15.19 -5.06 3.18
CA LYS B 83 -15.16 -5.07 4.65
C LYS B 83 -15.80 -3.82 5.25
N GLY B 84 -15.71 -2.66 4.56
CA GLY B 84 -16.33 -1.47 5.09
C GLY B 84 -17.84 -1.49 4.99
N VAL B 85 -18.39 -1.97 3.85
CA VAL B 85 -19.84 -2.10 3.77
C VAL B 85 -20.34 -3.16 4.75
N TYR B 86 -19.57 -4.24 4.94
CA TYR B 86 -19.94 -5.21 5.96
C TYR B 86 -20.01 -4.54 7.32
N PHE B 87 -19.03 -3.68 7.62
CA PHE B 87 -19.04 -3.01 8.91
C PHE B 87 -20.18 -2.01 9.03
N ASP B 88 -20.51 -1.32 7.94
CA ASP B 88 -21.47 -0.23 8.00
C ASP B 88 -22.91 -0.72 7.99
N LEU B 89 -23.23 -1.60 7.05
CA LEU B 89 -24.62 -1.97 6.83
C LEU B 89 -24.96 -3.39 7.25
N ILE B 90 -23.98 -4.20 7.63
CA ILE B 90 -24.23 -5.59 8.02
C ILE B 90 -23.98 -5.82 9.50
N LYS B 91 -22.75 -5.59 9.96
CA LYS B 91 -22.49 -5.80 11.38
C LYS B 91 -23.15 -4.73 12.24
N ASN B 92 -23.23 -3.49 11.74
CA ASN B 92 -23.88 -2.37 12.41
C ASN B 92 -25.05 -1.82 11.59
N GLY B 93 -25.75 -2.67 10.87
CA GLY B 93 -26.90 -2.29 10.08
C GLY B 93 -27.86 -3.45 10.08
N ASP B 94 -28.76 -3.52 9.11
CA ASP B 94 -29.76 -4.58 9.18
C ASP B 94 -29.72 -5.42 7.92
N LYS B 95 -28.52 -5.58 7.39
CA LYS B 95 -28.25 -6.19 6.11
C LYS B 95 -27.45 -7.47 6.41
N ASP B 96 -27.42 -8.40 5.47
CA ASP B 96 -26.64 -9.63 5.70
C ASP B 96 -26.37 -10.36 4.40
N HIS B 97 -26.47 -9.68 3.27
CA HIS B 97 -26.29 -10.28 1.96
C HIS B 97 -25.50 -9.42 1.01
N ILE B 98 -24.62 -10.09 0.26
CA ILE B 98 -23.80 -9.46 -0.77
C ILE B 98 -23.93 -10.36 -1.98
N ILE B 99 -24.02 -9.74 -3.15
CA ILE B 99 -24.15 -10.42 -4.43
C ILE B 99 -22.88 -10.19 -5.22
N THR B 100 -22.31 -11.26 -5.78
CA THR B 100 -21.13 -11.15 -6.61
C THR B 100 -21.14 -12.30 -7.62
N THR B 101 -20.05 -12.44 -8.36
CA THR B 101 -19.90 -13.50 -9.36
C THR B 101 -18.81 -14.47 -8.97
N GLU B 102 -18.92 -15.70 -9.53
CA GLU B 102 -17.92 -16.74 -9.36
C GLU B 102 -16.69 -16.54 -10.23
N VAL B 103 -16.58 -15.43 -10.94
CA VAL B 103 -15.41 -15.19 -11.78
C VAL B 103 -14.62 -13.96 -11.32
N GLU B 104 -14.85 -13.49 -10.11
CA GLU B 104 -14.12 -12.32 -9.64
C GLU B 104 -12.66 -12.65 -9.35
N HIS B 105 -11.88 -11.58 -9.22
CA HIS B 105 -10.49 -11.65 -8.79
C HIS B 105 -10.41 -12.22 -7.38
N PRO B 106 -9.33 -12.91 -7.03
CA PRO B 106 -9.24 -13.50 -5.69
C PRO B 106 -9.38 -12.49 -4.57
N SER B 107 -8.99 -11.24 -4.78
CA SER B 107 -9.15 -10.24 -3.72
C SER B 107 -10.61 -9.98 -3.40
N VAL B 108 -11.52 -10.31 -4.32
CA VAL B 108 -12.95 -10.22 -4.04
C VAL B 108 -13.51 -11.54 -3.54
N THR B 109 -13.15 -12.65 -4.21
CA THR B 109 -13.67 -13.97 -3.83
C THR B 109 -13.27 -14.33 -2.41
N ALA B 110 -11.96 -14.25 -2.11
CA ALA B 110 -11.46 -14.69 -0.81
C ALA B 110 -11.98 -13.80 0.31
N THR B 111 -12.07 -12.48 0.04
CA THR B 111 -12.69 -11.57 0.99
C THR B 111 -14.14 -11.95 1.25
N CYS B 112 -14.88 -12.27 0.18
CA CYS B 112 -16.26 -12.68 0.35
C CYS B 112 -16.37 -13.95 1.18
N ARG B 113 -15.44 -14.89 0.99
CA ARG B 113 -15.46 -16.12 1.79
C ARG B 113 -15.17 -15.84 3.26
N TRP B 114 -14.23 -14.92 3.54
CA TRP B 114 -13.99 -14.51 4.93
C TRP B 114 -15.22 -13.81 5.52
N LEU B 115 -15.93 -13.04 4.69
CA LEU B 115 -17.13 -12.36 5.17
C LEU B 115 -18.21 -13.37 5.46
N GLU B 116 -18.29 -14.41 4.63
CA GLU B 116 -19.20 -15.50 4.92
C GLU B 116 -18.79 -16.23 6.19
N GLU B 117 -17.49 -16.25 6.49
CA GLU B 117 -17.00 -16.73 7.77
C GLU B 117 -17.40 -15.82 8.92
N GLN B 118 -17.92 -14.62 8.62
CA GLN B 118 -18.45 -13.71 9.63
C GLN B 118 -19.97 -13.61 9.59
N GLY B 119 -20.65 -14.58 8.98
CA GLY B 119 -22.10 -14.62 9.02
C GLY B 119 -22.79 -13.96 7.84
N VAL B 120 -22.04 -13.43 6.88
CA VAL B 120 -22.62 -12.78 5.71
C VAL B 120 -23.04 -13.85 4.71
N ARG B 121 -24.28 -13.76 4.23
CA ARG B 121 -24.72 -14.62 3.13
C ARG B 121 -24.24 -13.98 1.82
N VAL B 122 -23.51 -14.76 1.02
CA VAL B 122 -23.01 -14.28 -0.27
C VAL B 122 -23.42 -15.25 -1.35
N THR B 123 -23.98 -14.73 -2.43
CA THR B 123 -24.34 -15.55 -3.58
C THR B 123 -23.32 -15.21 -4.65
N TYR B 124 -22.52 -16.20 -5.04
CA TYR B 124 -21.57 -16.05 -6.13
C TYR B 124 -22.38 -16.43 -7.36
N LEU B 125 -22.77 -15.42 -8.11
CA LEU B 125 -23.66 -15.62 -9.23
C LEU B 125 -22.92 -16.36 -10.34
N PRO B 126 -23.51 -17.40 -10.91
CA PRO B 126 -22.87 -18.10 -12.01
C PRO B 126 -22.85 -17.21 -13.23
N VAL B 127 -22.01 -17.58 -14.17
CA VAL B 127 -21.72 -16.78 -15.35
C VAL B 127 -22.38 -17.45 -16.55
N ASN B 128 -22.86 -16.62 -17.47
CA ASN B 128 -23.62 -17.18 -18.58
C ASN B 128 -22.69 -17.60 -19.70
N GLN B 129 -23.27 -18.21 -20.73
CA GLN B 129 -22.52 -18.70 -21.87
C GLN B 129 -21.47 -17.67 -22.33
N ASP B 130 -21.88 -16.39 -22.46
CA ASP B 130 -20.97 -15.35 -22.97
C ASP B 130 -19.84 -14.93 -21.93
N GLY B 131 -19.74 -15.62 -20.79
CA GLY B 131 -18.81 -15.25 -19.73
C GLY B 131 -19.19 -14.04 -18.92
N VAL B 132 -20.49 -13.77 -18.77
CA VAL B 132 -21.00 -12.50 -18.26
C VAL B 132 -22.13 -12.83 -17.28
N VAL B 133 -22.38 -11.91 -16.36
CA VAL B 133 -23.61 -11.92 -15.54
C VAL B 133 -24.54 -10.78 -15.94
N GLU B 134 -25.80 -11.12 -16.25
CA GLU B 134 -26.78 -10.18 -16.77
C GLU B 134 -27.58 -9.55 -15.62
N ALA B 135 -28.30 -8.46 -15.94
CA ALA B 135 -28.89 -7.65 -14.89
C ALA B 135 -30.14 -8.27 -14.27
N HIS B 136 -30.86 -9.10 -15.01
CA HIS B 136 -32.06 -9.72 -14.46
C HIS B 136 -31.76 -10.78 -13.42
N THR B 137 -30.66 -11.52 -13.57
CA THR B 137 -30.28 -12.48 -12.54
C THR B 137 -30.05 -11.78 -11.20
N VAL B 138 -29.29 -10.70 -11.23
CA VAL B 138 -28.97 -9.97 -10.01
C VAL B 138 -30.23 -9.35 -9.43
N ARG B 139 -31.10 -8.77 -10.27
CA ARG B 139 -32.35 -8.24 -9.72
C ARG B 139 -33.19 -9.35 -9.10
N ASP B 140 -33.19 -10.56 -9.68
CA ASP B 140 -33.87 -11.65 -8.99
C ASP B 140 -33.19 -12.05 -7.68
N PHE B 141 -31.91 -11.76 -7.54
CA PHE B 141 -31.21 -12.13 -6.31
C PHE B 141 -31.11 -11.02 -5.27
N ILE B 142 -31.52 -9.80 -5.59
CA ILE B 142 -31.59 -8.79 -4.54
C ILE B 142 -32.78 -9.08 -3.62
N THR B 143 -32.53 -9.01 -2.32
CA THR B 143 -33.50 -9.13 -1.25
C THR B 143 -33.64 -7.79 -0.53
N ASP B 144 -34.37 -7.79 0.58
CA ASP B 144 -34.47 -6.59 1.39
C ASP B 144 -33.33 -6.47 2.38
N LYS B 145 -32.42 -7.45 2.38
CA LYS B 145 -31.28 -7.43 3.27
C LYS B 145 -29.97 -7.35 2.51
N THR B 146 -30.01 -7.26 1.18
CA THR B 146 -28.78 -7.16 0.42
C THR B 146 -28.09 -5.84 0.73
N ALA B 147 -26.82 -5.91 1.13
CA ALA B 147 -26.06 -4.71 1.44
C ALA B 147 -25.35 -4.14 0.21
N LEU B 148 -24.83 -5.02 -0.64
CA LEU B 148 -23.95 -4.58 -1.72
C LEU B 148 -23.91 -5.60 -2.85
N VAL B 149 -23.82 -5.10 -4.07
CA VAL B 149 -23.60 -5.91 -5.26
C VAL B 149 -22.22 -5.56 -5.78
N SER B 150 -21.35 -6.56 -5.91
CA SER B 150 -19.96 -6.36 -6.33
C SER B 150 -19.72 -7.22 -7.56
N ILE B 151 -19.66 -6.59 -8.72
CA ILE B 151 -19.45 -7.26 -10.00
C ILE B 151 -18.30 -6.59 -10.73
N MET B 152 -17.31 -7.37 -11.15
CA MET B 152 -16.18 -6.82 -11.88
C MET B 152 -16.65 -6.22 -13.20
N TRP B 153 -15.94 -5.17 -13.63
CA TRP B 153 -16.29 -4.48 -14.86
C TRP B 153 -16.01 -5.35 -16.08
N ALA B 154 -14.85 -5.98 -16.12
CA ALA B 154 -14.47 -6.90 -17.18
C ALA B 154 -13.60 -8.00 -16.58
N ASN B 155 -13.73 -9.20 -17.14
CA ASN B 155 -13.03 -10.35 -16.58
C ASN B 155 -11.60 -10.39 -17.09
N ASN B 156 -10.68 -10.83 -16.23
CA ASN B 156 -9.26 -10.80 -16.54
C ASN B 156 -8.81 -12.04 -17.31
N GLU B 157 -9.60 -13.11 -17.30
CA GLU B 157 -9.22 -14.29 -18.05
C GLU B 157 -9.83 -14.31 -19.45
N THR B 158 -11.08 -13.89 -19.58
CA THR B 158 -11.75 -13.91 -20.88
C THR B 158 -11.78 -12.56 -21.57
N GLY B 159 -11.63 -11.45 -20.84
CA GLY B 159 -11.80 -10.13 -21.43
C GLY B 159 -13.24 -9.71 -21.69
N ALA B 160 -14.21 -10.49 -21.24
CA ALA B 160 -15.61 -10.14 -21.44
C ALA B 160 -16.00 -8.93 -20.61
N ILE B 161 -16.77 -8.04 -21.22
CA ILE B 161 -17.19 -6.79 -20.57
C ILE B 161 -18.55 -7.03 -19.95
N PHE B 162 -18.71 -6.63 -18.73
CA PHE B 162 -19.97 -6.79 -18.03
C PHE B 162 -20.87 -5.59 -18.25
N PRO B 163 -22.19 -5.81 -18.27
CA PRO B 163 -23.14 -4.70 -18.51
C PRO B 163 -23.38 -3.92 -17.23
N VAL B 164 -22.34 -3.19 -16.84
CA VAL B 164 -22.30 -2.56 -15.53
C VAL B 164 -23.35 -1.46 -15.41
N GLU B 165 -23.71 -0.84 -16.53
CA GLU B 165 -24.70 0.23 -16.52
C GLU B 165 -26.10 -0.30 -16.20
N GLU B 166 -26.51 -1.38 -16.84
CA GLU B 166 -27.80 -1.98 -16.56
C GLU B 166 -27.88 -2.51 -15.12
N ILE B 167 -26.79 -3.11 -14.66
CA ILE B 167 -26.73 -3.54 -13.27
C ILE B 167 -26.90 -2.35 -12.34
N SER B 168 -26.34 -1.19 -12.73
CA SER B 168 -26.53 0.02 -11.94
C SER B 168 -27.99 0.46 -11.92
N GLU B 169 -28.64 0.49 -13.09
CA GLU B 169 -30.06 0.86 -13.12
C GLU B 169 -30.89 0.02 -12.16
N ILE B 170 -30.75 -1.31 -12.26
CA ILE B 170 -31.49 -2.18 -11.34
C ILE B 170 -31.12 -1.88 -9.90
N CYS B 171 -29.81 -1.79 -9.62
CA CYS B 171 -29.34 -1.58 -8.24
C CYS B 171 -29.91 -0.30 -7.66
N LYS B 172 -30.05 0.74 -8.49
CA LYS B 172 -30.58 1.99 -7.97
C LYS B 172 -32.06 1.79 -7.69
N GLU B 173 -32.75 1.04 -8.55
CA GLU B 173 -34.15 0.74 -8.32
C GLU B 173 -34.39 0.09 -6.95
N LYS B 174 -33.59 -0.92 -6.62
CA LYS B 174 -33.72 -1.59 -5.33
C LYS B 174 -33.01 -0.86 -4.20
N GLY B 175 -32.34 0.25 -4.46
CA GLY B 175 -31.64 1.02 -3.44
C GLY B 175 -30.53 0.26 -2.74
N VAL B 176 -29.66 -0.39 -3.53
CA VAL B 176 -28.50 -1.15 -3.05
C VAL B 176 -27.23 -0.62 -3.69
N LEU B 177 -26.16 -0.54 -2.89
CA LEU B 177 -24.88 -0.02 -3.37
C LEU B 177 -24.23 -0.97 -4.39
N PHE B 178 -23.51 -0.38 -5.35
CA PHE B 178 -22.92 -1.11 -6.45
C PHE B 178 -21.42 -0.81 -6.51
N HIS B 179 -20.61 -1.84 -6.31
CA HIS B 179 -19.16 -1.74 -6.43
C HIS B 179 -18.71 -2.55 -7.64
N THR B 180 -17.76 -2.01 -8.41
CA THR B 180 -17.23 -2.76 -9.53
C THR B 180 -15.71 -2.81 -9.46
N ASP B 181 -15.15 -3.98 -9.76
CA ASP B 181 -13.70 -4.13 -9.89
C ASP B 181 -13.38 -3.75 -11.33
N GLY B 182 -12.92 -2.52 -11.55
CA GLY B 182 -12.71 -2.01 -12.89
C GLY B 182 -11.31 -2.07 -13.40
N VAL B 183 -10.50 -2.95 -12.80
CA VAL B 183 -9.07 -3.03 -13.10
C VAL B 183 -8.84 -3.25 -14.60
N GLN B 184 -9.62 -4.13 -15.21
CA GLN B 184 -9.41 -4.46 -16.61
C GLN B 184 -10.03 -3.46 -17.56
N ALA B 185 -10.73 -2.45 -17.05
CA ALA B 185 -11.48 -1.52 -17.90
C ALA B 185 -10.62 -0.34 -18.32
N ILE B 186 -9.78 0.15 -17.40
CA ILE B 186 -9.02 1.37 -17.65
C ILE B 186 -8.00 1.12 -18.76
N GLY B 187 -8.04 1.94 -19.80
CA GLY B 187 -7.13 1.81 -20.92
C GLY B 187 -7.59 0.91 -22.03
N LYS B 188 -8.63 0.08 -21.79
CA LYS B 188 -9.11 -0.87 -22.79
C LYS B 188 -10.53 -0.59 -23.22
N ILE B 189 -11.36 -0.02 -22.36
CA ILE B 189 -12.73 0.36 -22.71
C ILE B 189 -12.99 1.77 -22.17
N PRO B 190 -13.96 2.47 -22.74
CA PRO B 190 -14.38 3.77 -22.19
C PRO B 190 -14.88 3.65 -20.76
N VAL B 191 -14.40 4.54 -19.90
CA VAL B 191 -14.71 4.54 -18.48
C VAL B 191 -15.34 5.88 -18.13
N ASP B 192 -16.63 5.86 -17.83
CA ASP B 192 -17.36 7.02 -17.33
C ASP B 192 -18.15 6.53 -16.13
N VAL B 193 -17.67 6.89 -14.93
CA VAL B 193 -18.21 6.28 -13.72
C VAL B 193 -19.57 6.83 -13.36
N ILE B 194 -20.03 7.89 -14.04
CA ILE B 194 -21.39 8.36 -13.86
C ILE B 194 -22.33 7.71 -14.86
N ARG B 195 -21.83 7.39 -16.05
CA ARG B 195 -22.62 6.61 -17.01
C ARG B 195 -22.74 5.17 -16.58
N ALA B 196 -21.75 4.67 -15.85
CA ALA B 196 -21.81 3.34 -15.25
C ALA B 196 -22.66 3.30 -14.00
N GLY B 197 -22.90 4.45 -13.37
CA GLY B 197 -23.76 4.46 -12.21
C GLY B 197 -23.24 3.71 -11.00
N VAL B 198 -21.94 3.42 -10.96
CA VAL B 198 -21.41 2.62 -9.87
C VAL B 198 -21.23 3.51 -8.65
N ASP B 199 -21.36 2.91 -7.47
CA ASP B 199 -21.07 3.67 -6.27
C ASP B 199 -19.60 3.56 -5.88
N PHE B 200 -18.96 2.44 -6.18
CA PHE B 200 -17.56 2.22 -5.88
C PHE B 200 -16.87 1.52 -7.05
N MET B 201 -15.63 1.90 -7.32
CA MET B 201 -14.85 1.30 -8.39
C MET B 201 -13.40 1.15 -7.96
N SER B 202 -12.83 -0.03 -8.17
CA SER B 202 -11.44 -0.33 -7.86
C SER B 202 -10.62 -0.31 -9.14
N PHE B 203 -9.38 0.19 -9.06
CA PHE B 203 -8.48 0.16 -10.21
C PHE B 203 -7.03 0.08 -9.74
N SER B 204 -6.16 -0.31 -10.68
CA SER B 204 -4.74 -0.61 -10.42
C SER B 204 -3.87 -0.06 -11.53
N ALA B 205 -2.85 0.71 -11.14
CA ALA B 205 -2.06 1.45 -12.12
C ALA B 205 -1.25 0.51 -13.01
N HIS B 206 -0.73 -0.57 -12.44
CA HIS B 206 0.16 -1.45 -13.21
C HIS B 206 -0.57 -2.27 -14.29
N1 LLP B 207 -8.45 -7.38 -10.23
C2 LLP B 207 -8.48 -7.64 -11.56
C2' LLP B 207 -9.86 -7.88 -12.24
C3 LLP B 207 -7.27 -7.65 -12.33
O3 LLP B 207 -7.31 -7.98 -13.69
C4 LLP B 207 -6.05 -7.60 -11.65
C4' LLP B 207 -4.58 -7.48 -12.32
C5 LLP B 207 -6.04 -7.19 -10.33
C6 LLP B 207 -7.24 -7.15 -9.57
C5' LLP B 207 -4.68 -6.92 -9.61
OP4 LLP B 207 -4.92 -6.14 -8.45
P LLP B 207 -3.74 -5.47 -7.73
OP1 LLP B 207 -4.36 -4.63 -6.61
OP2 LLP B 207 -2.84 -6.53 -7.21
OP3 LLP B 207 -3.01 -4.56 -8.69
N LLP B 207 -1.85 -1.95 -14.51
CA LLP B 207 -2.66 -2.59 -15.56
CB LLP B 207 -4.09 -2.81 -15.13
CG LLP B 207 -4.34 -4.17 -14.51
CD LLP B 207 -3.39 -5.29 -14.96
CE LLP B 207 -3.13 -6.06 -13.65
NZ LLP B 207 -4.42 -6.21 -12.95
C LLP B 207 -2.68 -1.71 -16.74
O LLP B 207 -2.78 -2.20 -17.85
N PHE B 208 -2.61 -0.40 -16.53
CA PHE B 208 -2.51 0.52 -17.66
C PHE B 208 -1.15 1.24 -17.68
N HIS B 209 -0.08 0.45 -17.59
CA HIS B 209 1.31 0.91 -17.77
C HIS B 209 1.78 1.88 -16.69
N GLY B 210 1.16 1.86 -15.52
CA GLY B 210 1.66 2.57 -14.37
C GLY B 210 2.52 1.67 -13.51
N PRO B 211 3.11 2.22 -12.46
CA PRO B 211 4.00 1.40 -11.60
C PRO B 211 3.20 0.45 -10.73
N LYS B 212 3.87 -0.60 -10.29
CA LYS B 212 3.31 -1.44 -9.26
C LYS B 212 3.38 -0.70 -7.92
N GLY B 213 2.48 -1.04 -7.02
CA GLY B 213 2.47 -0.45 -5.70
C GLY B 213 1.52 0.70 -5.48
N VAL B 214 0.64 0.97 -6.43
CA VAL B 214 -0.29 2.10 -6.31
C VAL B 214 -1.58 1.70 -7.00
N GLY B 215 -2.69 1.93 -6.32
CA GLY B 215 -4.00 1.71 -6.88
C GLY B 215 -4.92 2.83 -6.46
N GLY B 216 -6.21 2.64 -6.71
CA GLY B 216 -7.19 3.64 -6.35
C GLY B 216 -8.55 3.01 -6.10
N LEU B 217 -9.34 3.72 -5.32
CA LEU B 217 -10.74 3.38 -5.11
C LEU B 217 -11.55 4.64 -5.36
N TYR B 218 -12.52 4.53 -6.25
CA TYR B 218 -13.43 5.61 -6.54
C TYR B 218 -14.69 5.47 -5.70
N ILE B 219 -15.23 6.60 -5.24
CA ILE B 219 -16.45 6.62 -4.45
C ILE B 219 -17.29 7.75 -5.02
N ARG B 220 -18.57 7.45 -5.27
CA ARG B 220 -19.54 8.43 -5.70
C ARG B 220 -20.09 9.30 -4.56
N ASN B 221 -19.92 10.62 -4.69
CA ASN B 221 -20.57 11.62 -3.83
C ASN B 221 -20.05 11.54 -2.40
N GLY B 222 -18.83 11.03 -2.27
CA GLY B 222 -18.23 10.76 -0.97
C GLY B 222 -19.10 9.90 -0.08
N HIS B 223 -19.73 8.87 -0.65
CA HIS B 223 -20.60 8.01 0.14
C HIS B 223 -19.83 7.46 1.33
N PRO B 224 -20.45 7.39 2.51
CA PRO B 224 -19.74 6.91 3.71
C PRO B 224 -19.16 5.52 3.55
N LEU B 225 -17.88 5.36 3.91
CA LEU B 225 -17.23 4.06 3.87
C LEU B 225 -16.13 4.02 4.92
N THR B 226 -16.36 3.21 5.95
CA THR B 226 -15.43 3.09 7.07
C THR B 226 -14.02 2.76 6.56
N SER B 227 -13.03 3.49 7.07
CA SER B 227 -11.67 3.33 6.58
C SER B 227 -11.14 1.93 6.85
N LEU B 228 -10.37 1.40 5.89
CA LEU B 228 -9.66 0.16 6.13
C LEU B 228 -8.38 0.45 6.90
N LEU B 229 -7.75 1.59 6.61
CA LEU B 229 -6.53 2.02 7.27
C LEU B 229 -6.89 3.32 7.99
N HIS B 230 -6.84 3.30 9.32
CA HIS B 230 -7.13 4.47 10.13
C HIS B 230 -5.87 5.22 10.52
N GLY B 231 -6.07 6.46 10.95
CA GLY B 231 -4.95 7.28 11.36
C GLY B 231 -5.04 8.77 11.07
N GLY B 232 -3.97 9.25 10.46
CA GLY B 232 -3.83 10.62 9.98
C GLY B 232 -4.82 10.95 8.88
N GLU B 233 -4.84 12.22 8.50
CA GLU B 233 -5.83 12.62 7.51
C GLU B 233 -5.21 12.68 6.11
N HIS B 234 -4.65 11.54 5.67
CA HIS B 234 -4.27 11.49 4.28
C HIS B 234 -5.55 11.17 3.52
N MET B 235 -5.59 11.58 2.25
CA MET B 235 -6.67 11.24 1.34
C MET B 235 -8.04 11.64 1.91
N GLY B 236 -8.11 12.84 2.47
CA GLY B 236 -9.34 13.32 3.09
C GLY B 236 -9.75 12.56 4.33
N GLY B 237 -8.80 11.96 5.04
CA GLY B 237 -9.13 11.21 6.23
C GLY B 237 -9.75 9.86 5.95
N ARG B 238 -9.59 9.33 4.73
CA ARG B 238 -10.21 8.09 4.34
C ARG B 238 -9.23 6.95 4.21
N ARG B 239 -7.94 7.23 4.19
CA ARG B 239 -6.93 6.20 4.04
C ARG B 239 -5.63 6.81 4.53
N SER B 240 -5.19 6.38 5.70
CA SER B 240 -4.01 6.96 6.33
C SER B 240 -2.74 6.39 5.72
N GLY B 241 -1.62 7.02 6.06
CA GLY B 241 -0.32 6.59 5.57
C GLY B 241 0.26 7.57 4.57
N THR B 242 1.56 7.82 4.69
CA THR B 242 2.26 8.74 3.81
C THR B 242 1.99 8.42 2.35
N LEU B 243 1.76 9.47 1.58
CA LEU B 243 1.44 9.32 0.17
C LEU B 243 2.60 8.72 -0.62
N ASN B 244 2.26 7.78 -1.50
CA ASN B 244 3.21 7.21 -2.46
C ASN B 244 3.31 8.25 -3.59
N VAL B 245 4.09 9.30 -3.33
CA VAL B 245 4.14 10.42 -4.27
C VAL B 245 4.52 9.97 -5.67
N PRO B 246 5.61 9.24 -5.88
CA PRO B 246 5.90 8.76 -7.24
C PRO B 246 4.77 7.92 -7.79
N GLY B 247 4.20 7.05 -6.95
CA GLY B 247 3.09 6.23 -7.39
C GLY B 247 1.91 7.05 -7.87
N ILE B 248 1.58 8.12 -7.14
CA ILE B 248 0.45 8.95 -7.53
C ILE B 248 0.74 9.67 -8.84
N VAL B 249 1.91 10.30 -8.93
CA VAL B 249 2.29 11.03 -10.14
C VAL B 249 2.26 10.10 -11.36
N GLY B 250 2.89 8.93 -11.20
CA GLY B 250 2.93 7.98 -12.29
C GLY B 250 1.55 7.45 -12.66
N MET B 251 0.73 7.16 -11.67
CA MET B 251 -0.59 6.63 -11.96
C MET B 251 -1.40 7.65 -12.74
N GLY B 252 -1.29 8.92 -12.36
CA GLY B 252 -2.01 9.95 -13.08
C GLY B 252 -1.56 10.06 -14.52
N LYS B 253 -0.25 10.10 -14.73
CA LYS B 253 0.28 10.16 -16.10
C LYS B 253 -0.16 8.94 -16.90
N ALA B 254 -0.14 7.76 -16.29
CA ALA B 254 -0.50 6.53 -16.98
C ALA B 254 -1.97 6.54 -17.35
N MET B 255 -2.82 7.10 -16.48
CA MET B 255 -4.26 7.09 -16.76
C MET B 255 -4.61 8.07 -17.87
N GLU B 256 -3.93 9.22 -17.89
CA GLU B 256 -4.08 10.14 -19.01
C GLU B 256 -3.63 9.49 -20.32
N LEU B 257 -2.47 8.83 -20.30
CA LEU B 257 -2.00 8.14 -21.50
C LEU B 257 -2.94 7.03 -21.93
N ALA B 258 -3.53 6.33 -20.96
CA ALA B 258 -4.44 5.24 -21.30
C ALA B 258 -5.65 5.78 -22.03
N THR B 259 -6.21 6.89 -21.56
CA THR B 259 -7.36 7.45 -22.26
C THR B 259 -6.97 8.02 -23.62
N TYR B 260 -5.74 8.54 -23.76
CA TYR B 260 -5.34 9.06 -25.07
C TYR B 260 -5.18 7.91 -26.06
N TYR B 261 -4.49 6.85 -25.64
CA TYR B 261 -4.28 5.75 -26.56
C TYR B 261 -5.57 4.97 -26.81
N LEU B 262 -6.56 5.03 -25.90
CA LEU B 262 -7.84 4.43 -26.26
C LEU B 262 -8.59 5.29 -27.26
N LYS B 263 -8.44 6.62 -27.15
CA LYS B 263 -9.18 7.52 -28.02
C LYS B 263 -8.59 7.55 -29.43
N PHE B 264 -7.28 7.30 -29.56
CA PHE B 264 -6.70 7.16 -30.90
C PHE B 264 -6.04 5.82 -31.23
N GLU B 265 -5.21 5.25 -30.36
CA GLU B 265 -4.55 4.00 -30.77
C GLU B 265 -5.37 2.73 -30.53
N GLU B 266 -6.61 2.67 -31.01
CA GLU B 266 -7.59 1.72 -30.50
C GLU B 266 -7.66 0.55 -31.44
N GLU B 267 -7.38 0.89 -32.69
CA GLU B 267 -7.37 -0.02 -33.82
C GLU B 267 -6.07 -0.78 -33.85
N HIS B 268 -4.97 -0.18 -33.43
CA HIS B 268 -3.72 -0.94 -33.52
C HIS B 268 -3.80 -2.19 -32.63
N VAL B 269 -4.15 -2.02 -31.36
CA VAL B 269 -4.29 -3.17 -30.47
C VAL B 269 -5.43 -4.09 -30.88
N ARG B 270 -6.59 -3.51 -31.26
CA ARG B 270 -7.68 -4.41 -31.66
C ARG B 270 -7.34 -5.21 -32.91
N LYS B 271 -6.73 -4.57 -33.92
CA LYS B 271 -6.40 -5.27 -35.16
C LYS B 271 -5.37 -6.36 -34.91
N LEU B 272 -4.39 -6.10 -34.04
CA LEU B 272 -3.40 -7.15 -33.80
C LEU B 272 -4.00 -8.31 -33.01
N ARG B 273 -4.88 -8.01 -32.05
CA ARG B 273 -5.58 -9.08 -31.35
C ARG B 273 -6.39 -9.91 -32.34
N ASP B 274 -7.12 -9.25 -33.25
CA ASP B 274 -7.96 -10.01 -34.17
C ASP B 274 -7.13 -10.80 -35.18
N LYS B 275 -6.02 -10.23 -35.65
CA LYS B 275 -5.09 -10.98 -36.50
C LYS B 275 -4.58 -12.25 -35.82
N LEU B 276 -4.05 -12.09 -34.59
CA LEU B 276 -3.57 -13.24 -33.83
C LEU B 276 -4.66 -14.28 -33.62
N GLU B 277 -5.88 -13.83 -33.28
CA GLU B 277 -6.95 -14.76 -32.95
C GLU B 277 -7.42 -15.51 -34.20
N ASP B 278 -7.57 -14.79 -35.32
CA ASP B 278 -7.91 -15.43 -36.58
C ASP B 278 -6.87 -16.48 -36.95
N ALA B 279 -5.59 -16.09 -36.88
CA ALA B 279 -4.50 -17.01 -37.25
C ALA B 279 -4.52 -18.26 -36.37
N ILE B 280 -4.75 -18.10 -35.07
CA ILE B 280 -4.76 -19.24 -34.17
C ILE B 280 -5.97 -20.13 -34.43
N LEU B 281 -7.11 -19.50 -34.72
CA LEU B 281 -8.35 -20.21 -34.95
C LEU B 281 -8.35 -20.94 -36.29
N GLU B 282 -7.39 -20.63 -37.17
CA GLU B 282 -7.24 -21.41 -38.38
C GLU B 282 -6.67 -22.80 -38.12
N ILE B 283 -6.14 -23.03 -36.92
CA ILE B 283 -5.73 -24.37 -36.46
C ILE B 283 -6.97 -25.22 -36.17
N PRO B 284 -7.00 -26.47 -36.64
CA PRO B 284 -8.18 -27.34 -36.41
C PRO B 284 -8.39 -27.57 -34.91
N ASP B 285 -9.67 -27.61 -34.49
CA ASP B 285 -10.03 -27.95 -33.10
C ASP B 285 -9.45 -26.95 -32.09
N THR B 286 -9.62 -25.67 -32.39
CA THR B 286 -9.33 -24.56 -31.50
C THR B 286 -10.60 -23.74 -31.31
N TYR B 287 -10.80 -23.25 -30.08
CA TYR B 287 -12.00 -22.48 -29.75
C TYR B 287 -11.60 -21.35 -28.82
N SER B 288 -11.95 -20.13 -29.22
CA SER B 288 -11.74 -18.94 -28.41
C SER B 288 -12.90 -18.73 -27.44
N VAL B 289 -12.59 -18.50 -26.18
CA VAL B 289 -13.64 -18.37 -25.17
C VAL B 289 -14.18 -16.95 -25.22
N GLY B 290 -15.51 -16.82 -25.30
CA GLY B 290 -16.15 -15.53 -25.22
C GLY B 290 -16.26 -14.81 -26.56
N PRO B 291 -17.36 -14.08 -26.73
CA PRO B 291 -17.59 -13.36 -27.99
C PRO B 291 -16.65 -12.17 -28.13
N ARG B 292 -16.11 -11.99 -29.33
CA ARG B 292 -15.11 -10.95 -29.51
C ARG B 292 -15.76 -9.58 -29.42
N GLU B 293 -16.98 -9.46 -29.94
CA GLU B 293 -17.73 -8.21 -29.95
C GLU B 293 -18.15 -7.73 -28.56
N ASN B 294 -17.89 -8.49 -27.50
CA ASN B 294 -18.10 -8.04 -26.13
C ASN B 294 -16.84 -8.20 -25.33
N ARG B 295 -15.69 -8.25 -26.00
CA ARG B 295 -14.43 -8.57 -25.36
C ARG B 295 -13.52 -7.37 -25.47
N THR B 296 -12.71 -7.16 -24.44
CA THR B 296 -11.67 -6.13 -24.46
C THR B 296 -10.75 -6.32 -25.66
N PRO B 297 -10.18 -5.23 -26.20
CA PRO B 297 -9.48 -5.35 -27.49
C PRO B 297 -8.19 -6.12 -27.42
N ASN B 298 -7.73 -6.51 -26.23
CA ASN B 298 -6.38 -7.02 -26.08
C ASN B 298 -6.34 -8.47 -25.63
N THR B 299 -7.46 -9.15 -25.52
CA THR B 299 -7.52 -10.41 -24.82
C THR B 299 -7.96 -11.53 -25.76
N ILE B 300 -7.28 -12.66 -25.64
CA ILE B 300 -7.74 -13.93 -26.22
C ILE B 300 -7.56 -14.98 -25.15
N LEU B 301 -8.55 -15.85 -25.01
CA LEU B 301 -8.45 -17.02 -24.14
C LEU B 301 -8.82 -18.18 -25.04
N VAL B 302 -7.83 -18.96 -25.45
CA VAL B 302 -7.97 -20.02 -26.44
C VAL B 302 -7.77 -21.39 -25.80
N SER B 303 -8.65 -22.30 -26.19
CA SER B 303 -8.60 -23.70 -25.80
C SER B 303 -8.16 -24.51 -27.01
N VAL B 304 -7.10 -25.29 -26.83
CA VAL B 304 -6.59 -26.19 -27.85
C VAL B 304 -6.94 -27.61 -27.46
N ARG B 305 -7.49 -28.38 -28.40
CA ARG B 305 -7.96 -29.70 -28.03
C ARG B 305 -6.79 -30.66 -28.17
N GLY B 306 -6.78 -31.68 -27.33
CA GLY B 306 -5.63 -32.56 -27.29
C GLY B 306 -4.52 -32.11 -26.36
N VAL B 307 -4.24 -30.80 -26.37
CA VAL B 307 -3.20 -30.18 -25.54
C VAL B 307 -3.79 -29.63 -24.25
N GLU B 308 -2.95 -29.51 -23.23
CA GLU B 308 -3.31 -28.94 -21.94
C GLU B 308 -2.75 -27.53 -21.81
N GLY B 309 -3.50 -26.65 -21.15
CA GLY B 309 -3.14 -25.24 -21.17
C GLY B 309 -1.77 -24.98 -20.56
N GLU B 310 -1.46 -25.68 -19.46
CA GLU B 310 -0.16 -25.48 -18.83
C GLU B 310 0.98 -25.95 -19.73
N ALA B 311 0.79 -27.08 -20.41
CA ALA B 311 1.79 -27.57 -21.34
C ALA B 311 2.01 -26.58 -22.47
N MET B 312 0.92 -26.01 -22.96
CA MET B 312 0.99 -25.02 -24.03
C MET B 312 1.69 -23.76 -23.54
N LEU B 313 1.44 -23.40 -22.29
CA LEU B 313 2.10 -22.27 -21.66
C LEU B 313 3.60 -22.49 -21.56
N TRP B 314 4.00 -23.68 -21.11
CA TRP B 314 5.41 -24.01 -20.91
CA TRP B 314 5.43 -23.83 -20.93
C TRP B 314 6.16 -24.06 -22.24
N ASP B 315 5.53 -24.67 -23.25
CA ASP B 315 6.21 -24.73 -24.54
C ASP B 315 6.31 -23.35 -25.19
N LEU B 316 5.34 -22.47 -24.90
CA LEU B 316 5.48 -21.09 -25.35
C LEU B 316 6.60 -20.37 -24.59
N ASN B 317 6.67 -20.58 -23.28
CA ASN B 317 7.72 -19.95 -22.48
C ASN B 317 9.10 -20.40 -22.92
N ARG B 318 9.24 -21.68 -23.31
CA ARG B 318 10.52 -22.12 -23.87
C ARG B 318 10.85 -21.35 -25.13
N ALA B 319 9.83 -20.92 -25.88
CA ALA B 319 10.00 -20.12 -27.07
C ALA B 319 10.01 -18.63 -26.81
N GLY B 320 10.09 -18.21 -25.54
CA GLY B 320 10.18 -16.80 -25.22
C GLY B 320 8.86 -16.05 -25.13
N ILE B 321 7.73 -16.74 -25.17
CA ILE B 321 6.42 -16.10 -25.20
C ILE B 321 5.75 -16.27 -23.84
N ALA B 322 5.38 -15.14 -23.24
CA ALA B 322 4.72 -15.14 -21.94
C ALA B 322 3.23 -15.02 -22.18
N ALA B 323 2.47 -15.97 -21.64
CA ALA B 323 1.02 -15.96 -21.64
C ALA B 323 0.57 -16.56 -20.32
N SER B 324 -0.74 -16.77 -20.16
CA SER B 324 -1.21 -17.28 -18.88
C SER B 324 -2.34 -18.26 -19.15
N THR B 325 -2.99 -18.67 -18.07
CA THR B 325 -4.05 -19.67 -18.04
C THR B 325 -5.40 -19.00 -17.86
N GLY B 326 -6.46 -19.74 -18.19
CA GLY B 326 -7.82 -19.32 -17.96
C GLY B 326 -8.75 -20.50 -17.86
N SER B 327 -9.68 -20.47 -16.89
CA SER B 327 -10.57 -21.61 -16.70
C SER B 327 -11.69 -21.60 -17.73
N ALA B 328 -11.97 -22.76 -18.29
CA ALA B 328 -13.06 -22.93 -19.25
C ALA B 328 -13.82 -24.25 -19.06
N CSS B 329 -15.04 -24.31 -19.57
CA CSS B 329 -15.86 -25.49 -19.45
CB CSS B 329 -17.05 -25.32 -18.49
SG CSS B 329 -18.36 -26.49 -18.65
SD CSS B 329 -20.22 -25.53 -18.32
C CSS B 329 -16.35 -25.86 -20.85
O CSS B 329 -16.59 -25.02 -21.72
N ALA B 330 -16.48 -27.16 -21.07
CA ALA B 330 -16.97 -27.72 -22.33
C ALA B 330 -18.50 -27.68 -22.37
N SER B 331 -19.07 -27.19 -23.47
CA SER B 331 -20.53 -27.06 -23.59
C SER B 331 -20.85 -26.78 -25.06
N GLU B 332 -22.13 -26.57 -25.34
CA GLU B 332 -22.62 -26.28 -26.69
C GLU B 332 -23.42 -24.98 -26.70
N ASP B 333 -23.70 -24.50 -27.91
CA ASP B 333 -24.56 -23.34 -28.09
C ASP B 333 -25.99 -23.81 -28.36
N LEU B 334 -26.84 -22.90 -28.83
CA LEU B 334 -28.20 -23.29 -29.16
C LEU B 334 -28.27 -24.07 -30.47
N GLU B 335 -27.27 -23.94 -31.35
CA GLU B 335 -27.17 -24.76 -32.55
C GLU B 335 -26.54 -26.12 -32.29
N ALA B 336 -26.24 -26.44 -31.02
CA ALA B 336 -25.62 -27.71 -30.61
C ALA B 336 -24.22 -27.88 -31.21
N ASN B 337 -23.45 -26.79 -31.22
CA ASN B 337 -22.07 -26.80 -31.66
C ASN B 337 -21.14 -26.72 -30.45
N PRO B 338 -20.14 -27.60 -30.34
CA PRO B 338 -19.30 -27.60 -29.13
C PRO B 338 -18.51 -26.30 -29.00
N ILE B 339 -18.61 -25.69 -27.82
CA ILE B 339 -17.92 -24.43 -27.52
C ILE B 339 -17.28 -24.57 -26.15
N MET B 340 -16.37 -23.65 -25.88
CA MET B 340 -15.70 -23.51 -24.60
C MET B 340 -16.12 -22.21 -23.93
N VAL B 341 -16.57 -22.28 -22.67
CA VAL B 341 -17.20 -21.12 -22.06
C VAL B 341 -16.57 -20.93 -20.70
N ALA B 342 -16.78 -19.73 -20.13
CA ALA B 342 -16.21 -19.40 -18.84
C ALA B 342 -16.83 -20.18 -17.69
N VAL B 343 -16.01 -20.40 -16.66
CA VAL B 343 -16.42 -21.11 -15.47
C VAL B 343 -15.49 -20.68 -14.34
N GLY B 344 -15.98 -20.75 -13.11
CA GLY B 344 -15.13 -20.44 -11.97
C GLY B 344 -13.99 -21.43 -11.88
N ALA B 345 -12.86 -20.98 -11.33
CA ALA B 345 -11.73 -21.90 -11.31
C ALA B 345 -12.00 -23.07 -10.39
N ASP B 346 -12.89 -22.89 -9.39
CA ASP B 346 -13.06 -23.93 -8.40
C ASP B 346 -14.03 -25.01 -8.84
N SER B 347 -14.49 -24.97 -10.09
CA SER B 347 -15.25 -26.07 -10.66
C SER B 347 -14.40 -27.30 -10.95
N GLU B 348 -15.09 -28.44 -11.09
CA GLU B 348 -14.44 -29.66 -11.54
C GLU B 348 -14.59 -29.83 -13.04
N LEU B 349 -15.47 -29.07 -13.67
CA LEU B 349 -15.61 -29.13 -15.11
C LEU B 349 -14.74 -28.10 -15.78
N ALA B 350 -13.70 -27.59 -15.11
CA ALA B 350 -12.81 -26.65 -15.77
C ALA B 350 -11.55 -27.31 -16.31
N HIS B 351 -11.12 -26.83 -17.46
CA HIS B 351 -9.89 -27.24 -18.10
C HIS B 351 -9.12 -25.95 -18.30
N THR B 352 -7.80 -26.00 -18.46
CA THR B 352 -7.04 -24.75 -18.58
C THR B 352 -6.92 -24.39 -20.07
N ALA B 353 -7.40 -23.21 -20.43
CA ALA B 353 -7.14 -22.60 -21.72
C ALA B 353 -6.04 -21.54 -21.61
N VAL B 354 -5.41 -21.25 -22.75
CA VAL B 354 -4.28 -20.32 -22.83
C VAL B 354 -4.79 -18.90 -23.02
N ARG B 355 -4.33 -17.98 -22.15
CA ARG B 355 -4.70 -16.58 -22.23
C ARG B 355 -3.56 -15.78 -22.85
N LEU B 356 -3.87 -15.00 -23.88
CA LEU B 356 -2.88 -14.14 -24.54
C LEU B 356 -3.44 -12.72 -24.50
N SER B 357 -2.71 -11.81 -23.90
CA SER B 357 -3.18 -10.45 -23.74
C SER B 357 -2.16 -9.46 -24.27
N LEU B 358 -2.58 -8.62 -25.23
CA LEU B 358 -1.69 -7.65 -25.84
C LEU B 358 -1.71 -6.33 -25.09
N SER B 359 -0.88 -5.40 -25.57
CA SER B 359 -0.88 -4.02 -25.09
C SER B 359 -0.51 -3.12 -26.25
N ARG B 360 -0.55 -1.80 -26.01
CA ARG B 360 -0.18 -0.83 -27.03
C ARG B 360 1.28 -0.92 -27.46
N PHE B 361 2.11 -1.69 -26.76
CA PHE B 361 3.51 -1.84 -27.14
C PHE B 361 3.77 -3.09 -27.97
N THR B 362 2.73 -3.89 -28.24
CA THR B 362 2.89 -5.09 -29.05
C THR B 362 3.09 -4.73 -30.52
N THR B 363 4.04 -5.40 -31.16
CA THR B 363 4.37 -5.09 -32.54
C THR B 363 3.75 -6.18 -33.41
N GLU B 364 3.64 -5.90 -34.70
CA GLU B 364 3.10 -6.91 -35.59
C GLU B 364 4.09 -8.03 -35.78
N GLU B 365 5.39 -7.73 -35.69
CA GLU B 365 6.40 -8.78 -35.74
C GLU B 365 6.23 -9.74 -34.58
N GLU B 366 5.97 -9.21 -33.39
CA GLU B 366 5.75 -10.07 -32.24
C GLU B 366 4.59 -11.02 -32.51
N ILE B 367 3.56 -10.53 -33.22
CA ILE B 367 2.39 -11.33 -33.55
C ILE B 367 2.73 -12.39 -34.59
N ASP B 368 3.50 -12.04 -35.62
CA ASP B 368 3.88 -13.05 -36.61
C ASP B 368 4.68 -14.17 -35.94
N TYR B 369 5.65 -13.78 -35.10
CA TYR B 369 6.43 -14.76 -34.35
C TYR B 369 5.55 -15.61 -33.45
N THR B 370 4.58 -14.98 -32.78
CA THR B 370 3.70 -15.71 -31.88
C THR B 370 2.82 -16.69 -32.64
N ILE B 371 2.27 -16.28 -33.79
CA ILE B 371 1.48 -17.18 -34.63
C ILE B 371 2.32 -18.38 -35.03
N GLU B 372 3.51 -18.13 -35.58
CA GLU B 372 4.37 -19.22 -36.04
C GLU B 372 4.70 -20.16 -34.90
N GLN B 373 5.14 -19.61 -33.76
CA GLN B 373 5.53 -20.46 -32.63
C GLN B 373 4.32 -21.19 -32.04
N PHE B 374 3.14 -20.57 -32.09
CA PHE B 374 1.92 -21.24 -31.62
C PHE B 374 1.58 -22.43 -32.49
N LYS B 375 1.64 -22.25 -33.81
CA LYS B 375 1.43 -23.38 -34.71
C LYS B 375 2.42 -24.48 -34.38
N LYS B 376 3.71 -24.11 -34.33
CA LYS B 376 4.79 -25.05 -34.04
C LYS B 376 4.51 -25.85 -32.76
N ALA B 377 4.26 -25.15 -31.65
CA ALA B 377 3.97 -25.80 -30.37
C ALA B 377 2.73 -26.71 -30.42
N VAL B 378 1.67 -26.26 -31.10
CA VAL B 378 0.47 -27.07 -31.21
C VAL B 378 0.77 -28.39 -31.90
N GLU B 379 1.46 -28.31 -33.04
CA GLU B 379 1.80 -29.50 -33.80
C GLU B 379 2.70 -30.44 -33.01
N ARG B 380 3.75 -29.89 -32.38
CA ARG B 380 4.68 -30.73 -31.63
C ARG B 380 4.00 -31.45 -30.47
N LEU B 381 3.10 -30.75 -29.75
CA LEU B 381 2.46 -31.30 -28.56
C LEU B 381 1.25 -32.19 -28.85
N ARG B 382 0.51 -31.96 -29.94
CA ARG B 382 -0.58 -32.89 -30.24
C ARG B 382 -0.04 -34.23 -30.71
N SER B 383 1.17 -34.22 -31.25
CA SER B 383 1.92 -35.39 -31.72
C SER B 383 2.37 -36.28 -30.57
N ILE B 384 2.46 -35.73 -29.37
CA ILE B 384 2.91 -36.46 -28.19
C ILE B 384 1.81 -36.83 -27.20
N SER B 385 0.53 -36.56 -27.46
CA SER B 385 -0.42 -36.86 -26.38
C SER B 385 -1.85 -37.00 -26.88
N SER B 386 -2.61 -37.86 -26.18
CA SER B 386 -4.02 -38.14 -26.47
C SER B 386 -4.30 -38.56 -27.90
N SER B 387 -5.04 -37.73 -28.63
CA SER B 387 -5.47 -37.99 -30.01
C SER B 387 -4.53 -37.38 -31.05
#